data_6LL1
#
_entry.id   6LL1
#
_cell.length_a   91.738
_cell.length_b   91.738
_cell.length_c   240.024
_cell.angle_alpha   90.00
_cell.angle_beta   90.00
_cell.angle_gamma   120.00
#
_symmetry.space_group_name_H-M   'P 65'
#
loop_
_entity.id
_entity.type
_entity.pdbx_description
1 polymer 'Terminal oxygenase component of carbazole'
2 non-polymer 'FE2/S2 (INORGANIC) CLUSTER'
3 non-polymer 'MAGNESIUM ION'
4 non-polymer 'FE (II) ION'
5 non-polymer 1,2-ETHANEDIOL
6 non-polymer DI(HYDROXYETHYL)ETHER
7 non-polymer 'TRIETHYLENE GLYCOL'
8 non-polymer 'OXYGEN MOLECULE'
9 non-polymer 'DIMETHYL SULFOXIDE'
10 water water
#
_entity_poly.entity_id   1
_entity_poly.type   'polypeptide(L)'
_entity_poly.pdbx_seq_one_letter_code
;MANVDEAILKRVKGWAPYVDAKLGFRNHWYPVMFSKEINEGEPKTLKLLGENLLVNRIDGKLYCLKDRCLHRGVQLSVKV
ECKTKSTITCWYHAWTYRWEDGVLCDILTNPTSAQIGRQKLKTYPVQEAKGCVFIYLGDGDPPPLARDTPPNFLDDDMEI
LGKNQIIKSNWRLAVENGFDPSHIYIHKDSILVKDNDLALPLGFAPGGDRKQQTRVVDDDVVGRKGVYDLIGEHGVPVFE
GTIGGEVVREGAYGEKIVANDISIWLPGVLKVNPFPNPDMMQFEWYVPIDENTHYYFQTLGKPCANDEERKKYEQEFESK
WKPMALEGFNNDDIWAREAMVDFYADDKGWVNEILFESDEAIVAWRKLASEHNQGIQTQAHVSGLEHHHHHH
;
_entity_poly.pdbx_strand_id   A,B,C
#
loop_
_chem_comp.id
_chem_comp.type
_chem_comp.name
_chem_comp.formula
DMS non-polymer 'DIMETHYL SULFOXIDE' 'C2 H6 O S'
EDO non-polymer 1,2-ETHANEDIOL 'C2 H6 O2'
FE2 non-polymer 'FE (II) ION' 'Fe 2'
FES non-polymer 'FE2/S2 (INORGANIC) CLUSTER' 'Fe2 S2'
MG non-polymer 'MAGNESIUM ION' 'Mg 2'
OXY non-polymer 'OXYGEN MOLECULE' O2
PEG non-polymer DI(HYDROXYETHYL)ETHER 'C4 H10 O3'
PGE non-polymer 'TRIETHYLENE GLYCOL' 'C6 H14 O4'
#
# COMPACT_ATOMS: atom_id res chain seq x y z
N ALA A 2 3.93 17.78 16.23
CA ALA A 2 4.77 17.61 14.99
C ALA A 2 4.40 16.42 14.09
N ASN A 3 3.88 15.33 14.65
CA ASN A 3 3.52 14.10 13.89
C ASN A 3 2.02 13.77 13.71
N VAL A 4 1.16 14.42 14.50
CA VAL A 4 -0.25 14.09 14.53
C VAL A 4 -1.02 15.36 14.28
N ASP A 5 -2.11 15.22 13.52
CA ASP A 5 -3.03 16.32 13.28
C ASP A 5 -3.27 17.19 14.55
N GLU A 6 -3.17 18.49 14.38
CA GLU A 6 -3.33 19.40 15.51
C GLU A 6 -4.73 19.37 16.13
N ALA A 7 -5.73 19.06 15.32
CA ALA A 7 -7.09 18.87 15.86
C ALA A 7 -7.11 17.73 16.86
N ILE A 8 -6.40 16.64 16.60
CA ILE A 8 -6.36 15.53 17.57
C ILE A 8 -5.60 15.95 18.82
N LEU A 9 -4.43 16.57 18.67
CA LEU A 9 -3.65 16.99 19.88
C LEU A 9 -4.44 17.94 20.84
N LYS A 10 -5.30 18.80 20.30
CA LYS A 10 -6.13 19.71 21.14
C LYS A 10 -7.21 18.97 21.93
N ARG A 11 -7.51 17.74 21.56
CA ARG A 11 -8.49 16.97 22.25
C ARG A 11 -7.88 15.97 23.23
N VAL A 12 -6.55 15.95 23.43
CA VAL A 12 -5.96 14.98 24.37
C VAL A 12 -4.99 15.74 25.28
N LYS A 13 -5.51 16.81 25.85
CA LYS A 13 -4.65 17.79 26.53
C LYS A 13 -3.99 17.28 27.78
N GLY A 14 -4.55 16.28 28.43
CA GLY A 14 -3.84 15.62 29.53
C GLY A 14 -2.48 14.98 29.16
N TRP A 15 -2.24 14.70 27.87
CA TRP A 15 -1.06 13.90 27.47
C TRP A 15 -0.72 14.03 25.98
N ALA A 16 -0.79 15.25 25.48
CA ALA A 16 -0.65 15.52 24.05
C ALA A 16 0.74 15.12 23.49
N PRO A 17 1.81 15.38 24.24
CA PRO A 17 3.11 15.02 23.64
C PRO A 17 3.30 13.50 23.49
N TYR A 18 2.71 12.73 24.38
CA TYR A 18 2.66 11.29 24.24
C TYR A 18 1.97 10.83 22.97
N VAL A 19 0.86 11.49 22.62
CA VAL A 19 0.10 11.11 21.44
C VAL A 19 0.84 11.53 20.22
N ASP A 20 1.63 12.59 20.38
CA ASP A 20 2.45 13.03 19.33
C ASP A 20 3.67 12.12 19.01
N ALA A 21 4.11 11.37 19.98
CA ALA A 21 5.32 10.62 19.93
C ALA A 21 5.15 9.26 19.21
N LYS A 22 4.65 9.32 17.99
CA LYS A 22 4.42 8.13 17.19
C LYS A 22 5.71 7.29 16.90
N LEU A 23 6.83 8.01 16.71
CA LEU A 23 8.15 7.45 16.54
C LEU A 23 8.95 7.26 17.80
N GLY A 24 8.38 7.57 18.95
CA GLY A 24 9.08 7.44 20.22
C GLY A 24 9.78 8.70 20.65
N PHE A 25 10.60 8.58 21.68
CA PHE A 25 11.25 9.70 22.28
C PHE A 25 12.69 9.69 21.98
N ARG A 26 13.16 10.78 21.35
CA ARG A 26 14.59 11.04 21.14
C ARG A 26 15.30 11.37 22.47
N ASN A 27 16.61 11.16 22.45
CA ASN A 27 17.53 11.45 23.53
C ASN A 27 17.37 10.50 24.73
N HIS A 28 17.12 9.21 24.43
CA HIS A 28 17.16 8.10 25.39
C HIS A 28 17.95 6.95 24.80
N TRP A 29 18.41 6.07 25.68
CA TRP A 29 19.05 4.84 25.34
C TRP A 29 17.94 3.80 25.05
N TYR A 30 18.19 2.92 24.08
CA TYR A 30 17.31 1.82 23.70
C TYR A 30 18.10 0.56 23.41
N PRO A 31 17.66 -0.61 23.93
CA PRO A 31 18.29 -1.87 23.56
C PRO A 31 17.78 -2.31 22.20
N VAL A 32 18.70 -2.82 21.37
CA VAL A 32 18.35 -3.22 19.99
C VAL A 32 18.71 -4.64 19.62
N MET A 33 19.64 -5.24 20.36
CA MET A 33 19.99 -6.64 20.15
C MET A 33 20.83 -7.07 21.35
N PHE A 34 21.17 -8.36 21.36
CA PHE A 34 22.04 -8.96 22.34
C PHE A 34 23.49 -8.92 21.84
N SER A 35 24.38 -8.68 22.79
CA SER A 35 25.82 -8.63 22.56
C SER A 35 26.29 -9.83 21.75
N LYS A 36 25.84 -11.01 22.11
CA LYS A 36 26.30 -12.22 21.42
C LYS A 36 25.78 -12.36 19.98
N GLU A 37 24.80 -11.55 19.57
CA GLU A 37 24.34 -11.56 18.17
C GLU A 37 25.21 -10.74 17.22
N ILE A 38 26.21 -10.03 17.74
CA ILE A 38 27.08 -9.22 16.88
C ILE A 38 28.57 -9.59 17.15
N ASN A 39 29.19 -10.18 16.14
CA ASN A 39 30.55 -10.67 16.19
C ASN A 39 31.51 -9.64 15.64
N GLU A 40 32.79 -9.81 16.01
CA GLU A 40 33.86 -8.99 15.48
C GLU A 40 33.78 -8.75 13.97
N GLY A 41 33.73 -7.48 13.56
CA GLY A 41 33.80 -7.08 12.14
C GLY A 41 32.64 -7.48 11.23
N GLU A 42 31.47 -7.63 11.83
CA GLU A 42 30.28 -8.10 11.14
C GLU A 42 29.14 -7.11 11.37
N PRO A 43 29.08 -6.08 10.52
CA PRO A 43 28.12 -5.04 10.88
C PRO A 43 26.67 -5.51 10.73
N LYS A 44 25.79 -4.97 11.55
CA LYS A 44 24.40 -5.34 11.53
C LYS A 44 23.66 -4.06 11.32
N THR A 45 22.53 -4.28 10.69
CA THR A 45 21.67 -3.28 10.21
C THR A 45 20.40 -3.33 11.05
N LEU A 46 19.84 -2.18 11.36
CA LEU A 46 18.60 -2.11 12.11
C LEU A 46 17.99 -0.72 11.95
N LYS A 47 16.70 -0.60 12.29
CA LYS A 47 15.97 0.64 12.22
C LYS A 47 15.48 1.02 13.59
N LEU A 48 15.81 2.25 14.01
CA LEU A 48 15.48 2.65 15.40
C LEU A 48 14.92 4.04 15.37
N LEU A 49 13.70 4.21 15.89
CA LEU A 49 13.08 5.54 15.91
C LEU A 49 12.92 6.08 14.49
N GLY A 50 12.73 5.14 13.58
CA GLY A 50 12.66 5.45 12.16
C GLY A 50 13.93 5.62 11.41
N GLU A 51 15.06 5.52 12.07
CA GLU A 51 16.35 5.79 11.44
C GLU A 51 17.08 4.48 11.16
N ASN A 52 17.56 4.29 9.96
CA ASN A 52 18.40 3.11 9.68
C ASN A 52 19.82 3.34 10.18
N LEU A 53 20.31 2.36 10.91
CA LEU A 53 21.57 2.36 11.59
C LEU A 53 22.37 1.10 11.28
N LEU A 54 23.66 1.29 11.39
CA LEU A 54 24.67 0.26 11.25
C LEU A 54 25.41 0.19 12.55
N VAL A 55 25.58 -1.02 13.06
CA VAL A 55 26.36 -1.25 14.27
C VAL A 55 27.45 -2.23 13.89
N ASN A 56 28.68 -1.98 14.34
CA ASN A 56 29.83 -2.88 14.11
C ASN A 56 30.65 -3.08 15.40
N ARG A 57 31.29 -4.24 15.51
CA ARG A 57 32.13 -4.56 16.62
C ARG A 57 33.61 -4.57 16.13
N ILE A 58 34.35 -3.60 16.63
CA ILE A 58 35.73 -3.39 16.23
C ILE A 58 36.65 -3.40 17.50
N ASP A 59 37.53 -4.41 17.50
CA ASP A 59 38.44 -4.71 18.55
C ASP A 59 37.64 -4.91 19.81
N GLY A 60 36.50 -5.60 19.66
CA GLY A 60 35.50 -5.82 20.72
C GLY A 60 34.63 -4.65 21.12
N LYS A 61 34.92 -3.42 20.69
CA LYS A 61 34.09 -2.25 21.06
C LYS A 61 32.98 -1.96 20.01
N LEU A 62 31.79 -1.63 20.46
CA LEU A 62 30.69 -1.34 19.52
C LEU A 62 30.67 0.15 19.08
N TYR A 63 30.33 0.30 17.81
CA TYR A 63 30.22 1.58 17.16
C TYR A 63 28.93 1.60 16.33
N CYS A 64 28.30 2.77 16.24
CA CYS A 64 27.06 2.97 15.51
C CYS A 64 27.13 4.20 14.62
N LEU A 65 27.00 3.94 13.33
CA LEU A 65 26.84 4.97 12.30
C LEU A 65 25.42 4.92 11.70
N LYS A 66 24.97 6.09 11.25
CA LYS A 66 23.79 6.16 10.40
C LYS A 66 24.02 5.42 9.06
N ASP A 67 23.12 4.49 8.72
CA ASP A 67 23.19 3.69 7.50
C ASP A 67 22.54 4.51 6.35
N ARG A 68 23.11 5.65 6.05
CA ARG A 68 22.66 6.48 4.95
C ARG A 68 23.84 7.36 4.55
N CYS A 69 24.43 7.07 3.39
CA CYS A 69 25.57 7.84 2.89
C CYS A 69 25.18 9.32 2.73
N LEU A 70 26.06 10.22 3.15
CA LEU A 70 25.78 11.69 3.00
C LEU A 70 25.66 12.11 1.52
N HIS A 71 26.26 11.34 0.62
CA HIS A 71 26.33 11.78 -0.75
C HIS A 71 24.98 11.63 -1.45
N ARG A 72 24.62 10.38 -1.81
CA ARG A 72 23.34 10.13 -2.51
C ARG A 72 22.30 9.40 -1.68
N GLY A 73 22.57 9.29 -0.38
CA GLY A 73 21.58 8.77 0.55
C GLY A 73 21.29 7.28 0.48
N VAL A 74 22.17 6.50 -0.12
CA VAL A 74 21.97 5.03 -0.11
C VAL A 74 22.28 4.43 1.25
N GLN A 75 21.66 3.29 1.56
CA GLN A 75 22.17 2.55 2.71
C GLN A 75 23.51 1.93 2.33
N LEU A 76 24.51 2.11 3.19
CA LEU A 76 25.82 1.48 2.98
C LEU A 76 25.68 -0.06 3.14
N SER A 77 24.70 -0.49 3.96
CA SER A 77 24.47 -1.86 4.21
C SER A 77 24.03 -2.70 2.98
N VAL A 78 23.56 -2.07 1.91
CA VAL A 78 23.30 -2.76 0.66
C VAL A 78 24.52 -3.59 0.18
N LYS A 79 25.72 -3.05 0.32
CA LYS A 79 26.93 -3.76 0.08
C LYS A 79 28.07 -3.21 1.01
N VAL A 80 28.28 -3.84 2.17
CA VAL A 80 29.23 -3.35 3.15
C VAL A 80 30.65 -3.53 2.61
N GLU A 81 31.45 -2.46 2.61
CA GLU A 81 32.86 -2.55 2.32
C GLU A 81 33.61 -1.98 3.47
N CYS A 82 34.19 -2.83 4.32
CA CYS A 82 34.99 -2.34 5.43
C CYS A 82 36.42 -2.61 4.99
N LYS A 83 37.06 -1.62 4.41
CA LYS A 83 38.37 -1.87 3.85
C LYS A 83 39.52 -1.70 4.87
N THR A 84 39.30 -0.94 5.97
CA THR A 84 40.20 -0.96 7.14
C THR A 84 39.33 -1.16 8.35
N LYS A 85 39.98 -1.53 9.46
CA LYS A 85 39.29 -1.82 10.73
C LYS A 85 38.49 -0.62 11.18
N SER A 86 39.04 0.56 10.99
CA SER A 86 38.46 1.70 11.63
C SER A 86 37.51 2.46 10.72
N THR A 87 37.28 1.92 9.50
CA THR A 87 36.48 2.63 8.50
C THR A 87 35.41 1.76 7.81
N ILE A 88 34.48 2.45 7.14
CA ILE A 88 33.56 1.81 6.21
C ILE A 88 33.55 2.66 4.95
N THR A 89 33.54 2.00 3.80
CA THR A 89 33.57 2.63 2.49
C THR A 89 32.25 2.36 1.77
N CYS A 90 31.52 3.43 1.45
CA CYS A 90 30.28 3.33 0.71
C CYS A 90 30.54 2.59 -0.61
N TRP A 91 29.61 1.73 -1.01
CA TRP A 91 29.84 0.76 -2.13
C TRP A 91 29.66 1.52 -3.47
N TYR A 92 29.08 2.73 -3.39
CA TYR A 92 28.67 3.42 -4.58
C TYR A 92 29.78 4.34 -5.11
N HIS A 93 30.21 5.35 -4.35
CA HIS A 93 31.34 6.16 -4.85
C HIS A 93 32.47 6.20 -3.89
N ALA A 94 32.50 5.26 -2.95
CA ALA A 94 33.64 5.10 -2.05
C ALA A 94 33.94 6.21 -1.06
N TRP A 95 32.93 7.03 -0.69
CA TRP A 95 33.07 7.97 0.42
C TRP A 95 33.34 7.08 1.60
N THR A 96 34.39 7.41 2.38
CA THR A 96 34.87 6.53 3.43
C THR A 96 34.81 7.27 4.77
N TYR A 97 34.09 6.65 5.71
CA TYR A 97 33.92 7.17 7.05
C TYR A 97 34.62 6.37 8.14
N ARG A 98 35.07 7.12 9.15
CA ARG A 98 35.51 6.51 10.39
C ARG A 98 34.33 6.11 11.32
N TRP A 99 34.33 4.87 11.81
CA TRP A 99 33.36 4.44 12.80
C TRP A 99 33.37 5.30 14.10
N GLU A 100 34.54 5.80 14.47
CA GLU A 100 34.69 6.38 15.77
C GLU A 100 34.02 7.76 15.84
N ASP A 101 34.14 8.55 14.79
CA ASP A 101 33.50 9.82 14.82
C ASP A 101 32.70 10.19 13.59
N GLY A 102 32.58 9.28 12.63
CA GLY A 102 31.73 9.49 11.46
C GLY A 102 32.37 10.39 10.40
N VAL A 103 33.60 10.85 10.65
CA VAL A 103 34.24 11.83 9.77
C VAL A 103 34.50 11.13 8.43
N LEU A 104 34.23 11.87 7.36
CA LEU A 104 34.57 11.54 5.99
C LEU A 104 36.08 11.73 5.83
N CYS A 105 36.85 10.64 5.91
CA CYS A 105 38.32 10.72 5.98
C CYS A 105 38.98 10.46 4.65
N ASP A 106 38.25 9.89 3.70
CA ASP A 106 38.78 9.54 2.39
C ASP A 106 37.63 9.42 1.40
N ILE A 107 37.99 9.62 0.14
CA ILE A 107 37.13 9.24 -0.97
C ILE A 107 37.96 8.56 -2.02
N LEU A 108 37.77 7.24 -2.20
CA LEU A 108 38.63 6.48 -3.12
C LEU A 108 38.52 6.95 -4.59
N THR A 109 37.33 7.37 -4.98
CA THR A 109 37.07 7.84 -6.33
C THR A 109 37.61 9.24 -6.63
N ASN A 110 37.99 9.99 -5.58
CA ASN A 110 38.54 11.32 -5.76
C ASN A 110 39.29 11.72 -4.46
N PRO A 111 40.57 11.32 -4.38
CA PRO A 111 41.31 11.60 -3.14
C PRO A 111 41.69 13.09 -2.99
N THR A 112 41.42 13.90 -3.99
CA THR A 112 41.57 15.34 -3.86
C THR A 112 40.29 16.09 -3.56
N SER A 113 39.18 15.41 -3.23
CA SER A 113 37.96 16.16 -3.01
C SER A 113 38.06 17.16 -1.87
N ALA A 114 37.48 18.35 -2.07
CA ALA A 114 37.32 19.35 -1.00
C ALA A 114 36.39 18.86 0.12
N GLN A 115 35.63 17.78 -0.13
CA GLN A 115 34.76 17.23 0.96
C GLN A 115 35.54 16.53 2.04
N ILE A 116 36.73 16.01 1.72
CA ILE A 116 37.42 15.11 2.65
C ILE A 116 37.77 15.88 3.92
N GLY A 117 37.48 15.32 5.10
CA GLY A 117 37.69 16.00 6.36
C GLY A 117 36.72 17.16 6.66
N ARG A 118 35.74 17.44 5.79
CA ARG A 118 34.81 18.56 5.95
C ARG A 118 33.37 18.10 6.15
N GLN A 119 33.17 16.80 6.33
CA GLN A 119 31.79 16.25 6.48
C GLN A 119 31.87 15.14 7.52
N LYS A 120 30.73 14.89 8.13
CA LYS A 120 30.63 13.95 9.25
C LYS A 120 29.28 13.20 9.15
N LEU A 121 29.31 11.88 9.03
CA LEU A 121 28.10 11.08 9.11
C LEU A 121 27.68 10.97 10.57
N LYS A 122 26.41 11.02 10.84
CA LYS A 122 25.88 10.90 12.19
C LYS A 122 26.28 9.58 12.85
N THR A 123 26.77 9.68 14.08
CA THR A 123 27.06 8.50 14.92
C THR A 123 26.21 8.56 16.18
N TYR A 124 26.01 7.43 16.82
CA TYR A 124 25.23 7.39 18.06
C TYR A 124 26.05 6.63 19.09
N PRO A 125 26.08 7.11 20.36
CA PRO A 125 26.70 6.30 21.38
C PRO A 125 26.15 4.88 21.49
N VAL A 126 27.02 3.95 21.78
CA VAL A 126 26.62 2.61 22.01
C VAL A 126 27.33 2.03 23.20
N GLN A 127 26.57 1.31 24.01
CA GLN A 127 27.07 0.73 25.26
C GLN A 127 26.47 -0.66 25.45
N GLU A 128 27.27 -1.60 25.94
CA GLU A 128 26.83 -2.94 26.25
C GLU A 128 26.70 -3.10 27.75
N ALA A 129 25.56 -3.58 28.26
CA ALA A 129 25.45 -3.90 29.69
C ALA A 129 24.59 -5.12 29.79
N LYS A 130 25.02 -6.07 30.60
CA LYS A 130 24.23 -7.27 30.85
C LYS A 130 23.98 -8.11 29.60
N GLY A 131 24.90 -8.03 28.66
CA GLY A 131 24.79 -8.74 27.40
C GLY A 131 23.76 -8.17 26.44
N CYS A 132 23.36 -6.90 26.66
CA CYS A 132 22.41 -6.18 25.81
C CYS A 132 23.09 -4.95 25.19
N VAL A 133 22.81 -4.70 23.92
CA VAL A 133 23.36 -3.59 23.19
C VAL A 133 22.35 -2.45 23.26
N PHE A 134 22.75 -1.33 23.85
CA PHE A 134 21.90 -0.12 23.92
C PHE A 134 22.54 0.99 23.08
N ILE A 135 21.70 1.72 22.34
CA ILE A 135 22.11 2.78 21.47
C ILE A 135 21.44 4.03 22.02
N TYR A 136 22.20 5.10 22.15
CA TYR A 136 21.68 6.36 22.61
C TYR A 136 21.24 7.13 21.38
N LEU A 137 19.94 7.07 21.09
CA LEU A 137 19.37 7.70 19.92
C LEU A 137 19.06 9.14 20.24
N GLY A 138 20.09 9.94 20.22
CA GLY A 138 20.00 11.33 20.53
C GLY A 138 21.29 12.05 20.24
N ASP A 139 21.28 13.31 20.62
CA ASP A 139 22.28 14.29 20.27
C ASP A 139 23.03 14.67 21.49
N GLY A 140 24.27 15.08 21.33
CA GLY A 140 25.05 15.54 22.48
C GLY A 140 25.53 14.44 23.40
N ASP A 141 25.93 14.85 24.60
CA ASP A 141 26.52 13.96 25.60
C ASP A 141 25.46 13.03 26.20
N PRO A 142 25.66 11.70 26.17
CA PRO A 142 24.59 10.88 26.71
C PRO A 142 24.56 10.88 28.24
N PRO A 143 23.39 10.57 28.85
CA PRO A 143 23.32 10.32 30.28
C PRO A 143 23.84 8.94 30.63
N PRO A 144 24.02 8.67 31.94
CA PRO A 144 24.27 7.30 32.32
C PRO A 144 23.14 6.38 31.83
N LEU A 145 23.48 5.13 31.57
CA LEU A 145 22.51 4.18 31.06
C LEU A 145 21.42 3.90 32.09
N ALA A 146 21.85 3.85 33.35
CA ALA A 146 20.96 3.73 34.48
C ALA A 146 19.75 4.66 34.49
N ARG A 147 19.82 5.84 33.90
CA ARG A 147 18.63 6.73 33.82
C ARG A 147 17.43 6.09 33.07
N ASP A 148 17.77 5.28 32.06
CA ASP A 148 16.81 4.75 31.07
C ASP A 148 16.70 3.25 31.23
N THR A 149 17.00 2.72 32.42
CA THR A 149 16.80 1.32 32.72
C THR A 149 16.06 1.23 34.07
N PRO A 150 15.24 0.20 34.27
CA PRO A 150 14.50 0.10 35.53
C PRO A 150 15.41 -0.20 36.74
N PRO A 151 14.94 0.09 37.98
CA PRO A 151 15.79 -0.28 39.11
C PRO A 151 16.13 -1.78 39.09
N ASN A 152 17.33 -2.10 39.55
CA ASN A 152 17.89 -3.45 39.72
C ASN A 152 18.44 -4.07 38.46
N PHE A 153 18.11 -3.49 37.29
CA PHE A 153 18.53 -4.09 36.04
C PHE A 153 20.01 -4.17 35.95
N LEU A 154 20.68 -3.09 36.34
CA LEU A 154 22.16 -2.99 36.39
C LEU A 154 22.82 -3.36 37.71
N ASP A 155 22.10 -3.98 38.64
CA ASP A 155 22.77 -4.54 39.85
C ASP A 155 23.85 -5.54 39.45
N ASP A 156 24.97 -5.54 40.20
CA ASP A 156 26.17 -6.28 39.86
C ASP A 156 25.93 -7.78 39.68
N ASP A 157 25.08 -8.36 40.51
CA ASP A 157 24.84 -9.82 40.42
C ASP A 157 23.59 -10.22 39.59
N MET A 158 22.91 -9.27 38.94
CA MET A 158 21.70 -9.61 38.16
C MET A 158 22.14 -10.26 36.88
N GLU A 159 21.81 -11.52 36.68
CA GLU A 159 22.08 -12.13 35.39
C GLU A 159 20.84 -11.90 34.53
N ILE A 160 21.07 -11.37 33.33
CA ILE A 160 20.02 -11.10 32.32
C ILE A 160 20.09 -12.10 31.18
N LEU A 161 18.97 -12.75 30.85
CA LEU A 161 18.85 -13.59 29.64
C LEU A 161 17.61 -13.12 28.95
N GLY A 162 17.53 -13.30 27.64
CA GLY A 162 16.41 -12.70 26.90
C GLY A 162 16.07 -13.20 25.53
N LYS A 163 15.17 -12.51 24.90
CA LYS A 163 14.76 -12.79 23.53
C LYS A 163 14.21 -11.47 22.93
N ASN A 164 14.48 -11.28 21.65
CA ASN A 164 14.08 -10.13 20.88
C ASN A 164 13.35 -10.57 19.62
N GLN A 165 12.29 -9.85 19.28
CA GLN A 165 11.59 -10.02 18.00
C GLN A 165 10.89 -8.74 17.58
N ILE A 166 10.58 -8.67 16.29
CA ILE A 166 9.91 -7.51 15.67
C ILE A 166 8.42 -7.79 15.67
N ILE A 167 7.65 -6.86 16.21
CA ILE A 167 6.19 -6.94 16.28
C ILE A 167 5.54 -5.77 15.55
N LYS A 168 4.49 -6.04 14.80
CA LYS A 168 3.83 -5.02 14.00
C LYS A 168 2.75 -4.27 14.81
N SER A 169 3.17 -3.54 15.82
CA SER A 169 2.30 -2.46 16.36
C SER A 169 3.20 -1.32 16.78
N ASN A 170 2.58 -0.17 16.87
CA ASN A 170 3.20 0.97 17.42
C ASN A 170 3.62 0.63 18.84
N TRP A 171 4.79 1.13 19.21
CA TRP A 171 5.37 0.87 20.52
C TRP A 171 4.45 1.27 21.69
N ARG A 172 3.62 2.31 21.54
CA ARG A 172 2.74 2.72 22.65
C ARG A 172 1.67 1.67 22.96
N LEU A 173 1.17 0.98 21.94
CA LEU A 173 0.19 -0.14 22.15
C LEU A 173 0.78 -1.19 23.03
N ALA A 174 2.05 -1.47 22.81
CA ALA A 174 2.78 -2.47 23.57
C ALA A 174 3.06 -2.07 25.05
N VAL A 175 3.47 -0.81 25.23
CA VAL A 175 3.70 -0.26 26.56
C VAL A 175 2.41 -0.33 27.33
N GLU A 176 1.32 0.13 26.75
CA GLU A 176 0.08 0.23 27.53
C GLU A 176 -0.48 -1.13 27.89
N ASN A 177 -0.41 -2.09 26.97
CA ASN A 177 -0.82 -3.44 27.24
C ASN A 177 -0.03 -4.05 28.41
N GLY A 178 1.27 -3.88 28.38
CA GLY A 178 2.06 -4.35 29.45
C GLY A 178 1.77 -3.77 30.80
N PHE A 179 1.48 -2.47 30.87
CA PHE A 179 1.33 -1.81 32.19
C PHE A 179 -0.13 -1.85 32.65
N ASP A 180 -1.01 -2.51 31.88
CA ASP A 180 -2.47 -2.48 32.08
C ASP A 180 -2.90 -3.45 33.16
N PRO A 181 -3.37 -2.96 34.34
CA PRO A 181 -3.58 -3.89 35.45
C PRO A 181 -4.64 -4.95 35.16
N SER A 182 -5.65 -4.60 34.37
CA SER A 182 -6.72 -5.49 33.95
C SER A 182 -6.50 -6.43 32.79
N HIS A 183 -5.39 -6.29 32.06
CA HIS A 183 -5.19 -7.01 30.83
C HIS A 183 -4.89 -8.41 31.16
N ILE A 184 -4.58 -8.70 32.42
CA ILE A 184 -4.21 -10.03 32.79
C ILE A 184 -5.30 -11.07 32.58
N TYR A 185 -6.55 -10.63 32.41
CA TYR A 185 -7.64 -11.46 31.85
C TYR A 185 -7.18 -12.37 30.72
N ILE A 186 -6.39 -11.81 29.78
CA ILE A 186 -6.03 -12.54 28.57
C ILE A 186 -5.12 -13.67 28.89
N HIS A 187 -4.54 -13.65 30.08
CA HIS A 187 -3.56 -14.67 30.50
C HIS A 187 -4.16 -15.83 31.34
N LYS A 188 -5.47 -15.79 31.57
CA LYS A 188 -6.19 -16.78 32.41
C LYS A 188 -5.97 -18.25 32.04
N ASP A 189 -5.81 -18.57 30.76
CA ASP A 189 -5.52 -19.95 30.34
C ASP A 189 -4.07 -20.18 30.04
N SER A 190 -3.16 -19.29 30.44
CA SER A 190 -1.75 -19.52 30.10
C SER A 190 -1.21 -20.82 30.69
N ILE A 191 -0.34 -21.48 29.92
CA ILE A 191 0.38 -22.68 30.39
C ILE A 191 1.19 -22.38 31.68
N LEU A 192 1.80 -21.18 31.75
CA LEU A 192 2.60 -20.77 32.91
C LEU A 192 1.77 -20.77 34.19
N VAL A 193 0.60 -20.14 34.09
CA VAL A 193 -0.31 -19.99 35.21
C VAL A 193 -0.68 -21.34 35.85
N LYS A 194 -1.02 -22.31 35.01
CA LYS A 194 -1.40 -23.65 35.46
C LYS A 194 -0.15 -24.46 35.91
N ASP A 195 0.88 -24.56 35.07
CA ASP A 195 2.05 -25.40 35.39
C ASP A 195 2.99 -24.88 36.51
N ASN A 196 2.94 -23.58 36.83
CA ASN A 196 3.77 -22.96 37.90
C ASN A 196 2.89 -22.46 39.05
N ASP A 197 1.67 -23.00 39.19
CA ASP A 197 0.83 -22.78 40.38
C ASP A 197 0.70 -21.29 40.73
N LEU A 198 0.50 -20.43 39.72
CA LEU A 198 0.51 -18.99 39.94
C LEU A 198 -0.84 -18.59 40.43
N ALA A 199 -0.90 -17.76 41.44
CA ALA A 199 -2.17 -17.25 41.91
C ALA A 199 -2.53 -16.03 41.09
N LEU A 200 -2.94 -16.24 39.85
CA LEU A 200 -3.27 -15.12 38.95
C LEU A 200 -4.76 -14.79 38.95
N PRO A 201 -5.15 -13.60 39.47
CA PRO A 201 -6.52 -13.16 39.35
C PRO A 201 -6.92 -12.84 37.91
N LEU A 202 -8.22 -12.61 37.71
CA LEU A 202 -8.79 -12.11 36.45
C LEU A 202 -8.68 -10.58 36.40
N GLY A 203 -8.76 -9.95 37.57
CA GLY A 203 -8.58 -8.49 37.70
C GLY A 203 -8.57 -8.06 39.14
N PHE A 204 -8.88 -6.78 39.38
CA PHE A 204 -8.86 -6.16 40.73
C PHE A 204 -10.04 -5.21 40.85
N ALA A 205 -10.79 -5.31 41.95
CA ALA A 205 -11.73 -4.23 42.31
C ALA A 205 -10.87 -3.16 43.01
N PRO A 206 -10.79 -1.94 42.43
CA PRO A 206 -9.88 -0.97 43.01
C PRO A 206 -10.37 -0.40 44.30
N GLY A 207 -9.47 -0.30 45.28
CA GLY A 207 -9.80 0.35 46.55
C GLY A 207 -9.04 1.66 46.76
N GLY A 208 -9.55 2.46 47.70
CA GLY A 208 -8.93 3.73 48.04
C GLY A 208 -9.15 4.74 46.93
N ASP A 209 -8.50 5.89 47.06
CA ASP A 209 -8.67 7.00 46.11
C ASP A 209 -7.73 6.89 44.89
N ARG A 210 -8.02 7.76 43.92
CA ARG A 210 -7.27 7.90 42.67
C ARG A 210 -5.77 8.00 42.90
N LYS A 211 -5.35 9.04 43.64
CA LYS A 211 -3.93 9.31 43.91
C LYS A 211 -3.16 8.13 44.51
N GLN A 212 -3.86 7.20 45.16
CA GLN A 212 -3.27 5.98 45.71
C GLN A 212 -3.08 4.80 44.72
N GLN A 213 -3.68 4.88 43.53
CA GLN A 213 -3.54 3.78 42.53
C GLN A 213 -2.14 3.61 41.93
N THR A 214 -1.42 4.70 41.86
CA THR A 214 -0.10 4.71 41.27
C THR A 214 0.83 5.50 42.17
N ARG A 215 2.13 5.38 41.90
CA ARG A 215 3.12 6.21 42.55
C ARG A 215 4.13 6.59 41.50
N VAL A 216 4.07 7.86 41.10
CA VAL A 216 4.94 8.43 40.11
C VAL A 216 6.32 8.48 40.79
N VAL A 217 7.36 7.99 40.11
CA VAL A 217 8.77 8.23 40.46
C VAL A 217 9.33 9.27 39.45
N ASP A 218 9.24 10.56 39.80
CA ASP A 218 9.98 11.60 39.07
C ASP A 218 11.05 12.17 39.98
N ASP A 219 11.53 11.33 40.88
CA ASP A 219 12.35 11.72 42.00
C ASP A 219 13.37 10.64 42.28
N ASP A 220 13.89 10.01 41.23
CA ASP A 220 14.95 9.02 41.37
C ASP A 220 16.26 9.77 41.18
N VAL A 221 17.30 9.36 41.93
CA VAL A 221 18.58 10.11 42.05
C VAL A 221 19.49 10.02 40.81
N VAL A 222 19.41 8.91 40.07
CA VAL A 222 20.04 8.80 38.73
C VAL A 222 19.16 9.39 37.61
N GLY A 223 18.00 9.94 37.98
CA GLY A 223 17.12 10.61 37.04
C GLY A 223 16.05 9.74 36.40
N ARG A 224 15.87 8.49 36.85
CA ARG A 224 14.77 7.64 36.32
C ARG A 224 13.43 8.30 36.41
N LYS A 225 12.55 7.95 35.46
CA LYS A 225 11.21 8.45 35.43
C LYS A 225 10.29 7.27 35.16
N GLY A 226 9.38 7.00 36.10
CA GLY A 226 8.47 5.88 36.02
C GLY A 226 7.22 6.00 36.87
N VAL A 227 6.39 4.98 36.78
CA VAL A 227 5.15 4.86 37.51
C VAL A 227 4.97 3.43 38.02
N TYR A 228 4.71 3.29 39.31
CA TYR A 228 4.37 1.98 39.92
C TYR A 228 2.87 1.81 39.90
N ASP A 229 2.42 0.64 39.50
CA ASP A 229 1.00 0.34 39.61
C ASP A 229 0.74 -0.29 41.01
N LEU A 230 -0.05 0.43 41.82
CA LEU A 230 -0.37 0.02 43.17
C LEU A 230 -1.80 -0.49 43.33
N ILE A 231 -2.44 -0.88 42.24
CA ILE A 231 -3.84 -1.32 42.29
C ILE A 231 -3.98 -2.56 43.19
N GLY A 232 -2.98 -3.46 43.18
CA GLY A 232 -2.95 -4.66 44.02
C GLY A 232 -2.57 -4.44 45.50
N GLU A 233 -2.17 -3.23 45.86
CA GLU A 233 -1.86 -2.88 47.23
C GLU A 233 -3.14 -2.58 48.01
N HIS A 234 -3.99 -1.69 47.47
CA HIS A 234 -5.22 -1.26 48.11
C HIS A 234 -6.50 -1.97 47.60
N GLY A 235 -6.41 -2.69 46.49
CA GLY A 235 -7.57 -3.30 45.81
C GLY A 235 -7.76 -4.78 46.08
N VAL A 236 -8.92 -5.29 45.70
CA VAL A 236 -9.27 -6.68 45.97
C VAL A 236 -9.09 -7.51 44.69
N PRO A 237 -8.38 -8.63 44.77
CA PRO A 237 -8.29 -9.49 43.60
C PRO A 237 -9.62 -10.19 43.30
N VAL A 238 -9.95 -10.30 42.02
CA VAL A 238 -11.18 -10.95 41.55
C VAL A 238 -10.75 -12.28 40.97
N PHE A 239 -11.04 -13.41 41.65
CA PHE A 239 -10.70 -14.77 41.15
C PHE A 239 -11.88 -15.51 40.48
N GLU A 240 -13.11 -15.04 40.70
CA GLU A 240 -14.32 -15.67 40.14
C GLU A 240 -14.96 -14.69 39.16
N GLY A 241 -15.01 -15.08 37.89
CA GLY A 241 -15.72 -14.25 36.89
C GLY A 241 -17.24 -14.44 36.90
N THR A 242 -18.00 -13.35 37.08
CA THR A 242 -19.46 -13.37 37.07
C THR A 242 -20.20 -12.44 36.08
N ILE A 243 -21.33 -12.95 35.61
CA ILE A 243 -22.27 -12.24 34.73
C ILE A 243 -23.66 -12.50 35.31
N GLY A 244 -24.36 -11.45 35.69
CA GLY A 244 -25.67 -11.61 36.28
C GLY A 244 -25.67 -12.38 37.60
N GLY A 245 -24.53 -12.38 38.30
CA GLY A 245 -24.41 -13.08 39.57
C GLY A 245 -24.08 -14.56 39.45
N GLU A 246 -23.97 -15.08 38.23
CA GLU A 246 -23.61 -16.46 38.02
C GLU A 246 -22.10 -16.48 37.79
N VAL A 247 -21.44 -17.50 38.32
CA VAL A 247 -20.02 -17.62 38.12
C VAL A 247 -19.91 -18.26 36.76
N VAL A 248 -19.20 -17.60 35.85
CA VAL A 248 -18.95 -18.13 34.53
C VAL A 248 -17.48 -18.53 34.28
N ARG A 249 -16.57 -18.18 35.21
CA ARG A 249 -15.12 -18.29 34.97
C ARG A 249 -14.34 -18.30 36.29
N GLU A 250 -13.08 -18.74 36.30
CA GLU A 250 -12.25 -18.65 37.52
C GLU A 250 -10.73 -18.47 37.32
N GLY A 251 -10.07 -18.08 38.42
CA GLY A 251 -8.61 -18.14 38.58
C GLY A 251 -8.06 -19.54 38.92
N ALA A 252 -8.84 -20.39 39.60
CA ALA A 252 -8.45 -21.80 39.94
C ALA A 252 -7.18 -21.99 40.88
N TYR A 253 -6.56 -23.17 40.84
CA TYR A 253 -5.57 -23.58 41.85
C TYR A 253 -4.17 -22.95 41.67
N GLY A 254 -3.77 -22.05 42.59
CA GLY A 254 -2.39 -21.50 42.63
C GLY A 254 -1.94 -20.88 43.97
N GLU A 255 -0.73 -21.22 44.38
CA GLU A 255 -0.11 -20.77 45.64
C GLU A 255 0.95 -19.65 45.50
N LYS A 256 1.57 -19.48 44.33
CA LYS A 256 2.66 -18.48 44.18
C LYS A 256 2.20 -17.07 43.86
N ILE A 257 2.62 -16.13 44.68
CA ILE A 257 2.34 -14.73 44.47
C ILE A 257 3.46 -14.14 43.61
N VAL A 258 3.07 -13.49 42.51
CA VAL A 258 4.02 -12.83 41.59
C VAL A 258 3.51 -11.44 41.30
N ALA A 259 4.37 -10.65 40.66
CA ALA A 259 3.96 -9.38 40.08
C ALA A 259 3.29 -8.44 41.07
N ASN A 260 3.82 -8.39 42.26
CA ASN A 260 3.33 -7.43 43.23
C ASN A 260 4.07 -6.11 43.12
N ASP A 261 5.18 -6.11 42.37
CA ASP A 261 5.96 -4.92 42.12
C ASP A 261 5.99 -4.73 40.57
N ILE A 262 5.22 -3.74 40.07
CA ILE A 262 5.02 -3.50 38.63
C ILE A 262 5.21 -2.04 38.32
N SER A 263 6.17 -1.76 37.45
CA SER A 263 6.47 -0.39 37.11
C SER A 263 6.78 -0.27 35.63
N ILE A 264 6.51 0.91 35.10
CA ILE A 264 6.83 1.29 33.74
C ILE A 264 7.76 2.53 33.81
N TRP A 265 8.76 2.55 32.94
CA TRP A 265 9.82 3.54 33.00
C TRP A 265 10.08 4.10 31.62
N LEU A 266 10.29 5.41 31.54
CA LEU A 266 10.80 6.02 30.33
C LEU A 266 12.11 5.36 29.96
N PRO A 267 12.46 5.17 28.66
CA PRO A 267 11.69 5.58 27.51
C PRO A 267 10.53 4.59 27.10
N GLY A 268 10.34 3.50 27.82
CA GLY A 268 9.26 2.57 27.58
C GLY A 268 9.70 1.17 27.90
N VAL A 269 9.94 0.94 29.19
CA VAL A 269 10.34 -0.35 29.71
C VAL A 269 9.58 -0.71 30.99
N LEU A 270 9.10 -1.95 31.04
CA LEU A 270 8.21 -2.45 32.10
C LEU A 270 9.07 -3.34 32.96
N LYS A 271 8.92 -3.20 34.28
CA LYS A 271 9.50 -4.10 35.28
C LYS A 271 8.36 -4.80 36.05
N VAL A 272 8.45 -6.12 36.17
CA VAL A 272 7.49 -6.96 36.87
C VAL A 272 8.26 -7.88 37.80
N ASN A 273 8.00 -7.74 39.10
CA ASN A 273 8.81 -8.34 40.12
C ASN A 273 7.91 -8.83 41.26
N PRO A 274 8.02 -10.09 41.64
CA PRO A 274 8.78 -11.10 40.92
C PRO A 274 7.96 -11.67 39.75
N PHE A 275 8.65 -12.25 38.76
CA PHE A 275 8.00 -12.86 37.56
C PHE A 275 9.05 -13.43 36.61
N PRO A 276 8.81 -14.57 35.93
CA PRO A 276 7.69 -15.49 36.11
C PRO A 276 7.73 -16.46 37.33
N ASN A 277 8.79 -16.40 38.13
CA ASN A 277 8.88 -17.21 39.34
C ASN A 277 9.25 -16.24 40.50
N PRO A 278 9.08 -16.65 41.78
CA PRO A 278 9.28 -15.64 42.85
C PRO A 278 10.73 -15.21 43.07
N ASP A 279 11.67 -15.93 42.46
CA ASP A 279 13.10 -15.60 42.48
C ASP A 279 13.67 -14.82 41.25
N MET A 280 12.81 -14.30 40.40
CA MET A 280 13.22 -13.65 39.14
C MET A 280 12.46 -12.37 38.97
N MET A 281 12.87 -11.58 38.01
CA MET A 281 12.03 -10.46 37.57
C MET A 281 12.09 -10.36 36.03
N GLN A 282 11.12 -9.64 35.47
CA GLN A 282 11.06 -9.45 34.02
C GLN A 282 11.17 -7.98 33.78
N PHE A 283 12.08 -7.66 32.88
CA PHE A 283 12.21 -6.31 32.30
C PHE A 283 12.02 -6.43 30.77
N GLU A 284 11.07 -5.70 30.22
CA GLU A 284 10.82 -5.73 28.81
C GLU A 284 10.60 -4.34 28.25
N TRP A 285 11.20 -4.16 27.09
CA TRP A 285 11.20 -2.91 26.36
C TRP A 285 10.37 -3.08 25.12
N TYR A 286 9.77 -1.96 24.74
CA TYR A 286 8.98 -1.86 23.56
C TYR A 286 9.58 -0.68 22.75
N VAL A 287 10.55 -1.03 21.92
CA VAL A 287 11.44 -0.10 21.24
C VAL A 287 10.89 0.30 19.87
N PRO A 288 10.63 1.62 19.67
CA PRO A 288 10.07 2.09 18.42
C PRO A 288 11.01 1.83 17.24
N ILE A 289 10.51 1.17 16.22
CA ILE A 289 11.24 0.93 14.98
C ILE A 289 10.81 1.96 13.96
N ASP A 290 9.51 2.00 13.75
CA ASP A 290 8.85 3.03 12.97
C ASP A 290 7.43 3.23 13.56
N GLU A 291 6.56 3.88 12.81
CA GLU A 291 5.24 4.24 13.32
C GLU A 291 4.44 2.99 13.60
N ASN A 292 4.76 1.90 12.91
CA ASN A 292 3.94 0.68 12.89
C ASN A 292 4.53 -0.54 13.54
N THR A 293 5.74 -0.41 14.10
CA THR A 293 6.60 -1.56 14.46
C THR A 293 7.42 -1.28 15.70
N HIS A 294 7.64 -2.32 16.52
CA HIS A 294 8.51 -2.22 17.65
C HIS A 294 9.34 -3.48 17.77
N TYR A 295 10.52 -3.35 18.38
CA TYR A 295 11.18 -4.54 19.01
C TYR A 295 10.55 -4.78 20.35
N TYR A 296 10.19 -6.02 20.59
CA TYR A 296 9.77 -6.50 21.86
C TYR A 296 11.00 -7.22 22.48
N PHE A 297 11.76 -6.47 23.28
CA PHE A 297 13.03 -6.86 23.85
C PHE A 297 12.76 -7.36 25.28
N GLN A 298 12.64 -8.68 25.38
CA GLN A 298 12.25 -9.31 26.58
C GLN A 298 13.49 -9.77 27.34
N THR A 299 13.56 -9.45 28.66
CA THR A 299 14.56 -9.99 29.56
C THR A 299 14.02 -10.55 30.84
N LEU A 300 14.72 -11.59 31.31
CA LEU A 300 14.52 -12.12 32.66
C LEU A 300 15.80 -11.95 33.49
N GLY A 301 15.65 -11.33 34.66
CA GLY A 301 16.73 -11.16 35.58
C GLY A 301 16.64 -12.07 36.80
N LYS A 302 17.73 -12.81 37.05
CA LYS A 302 17.93 -13.52 38.34
C LYS A 302 19.29 -13.18 39.05
N PRO A 303 19.24 -12.70 40.32
CA PRO A 303 20.49 -12.50 41.06
C PRO A 303 21.24 -13.81 41.21
N CYS A 304 22.44 -13.89 40.67
CA CYS A 304 23.34 -15.05 40.76
C CYS A 304 24.71 -14.63 41.36
N ALA A 305 25.15 -15.31 42.42
CA ALA A 305 26.46 -15.12 43.07
C ALA A 305 27.67 -15.25 42.14
N ASN A 306 27.71 -16.33 41.36
CA ASN A 306 28.94 -16.76 40.66
C ASN A 306 28.69 -17.45 39.31
N ASP A 307 29.78 -17.94 38.71
CA ASP A 307 29.73 -18.70 37.45
C ASP A 307 28.86 -19.96 37.45
N GLU A 308 28.73 -20.65 38.58
CA GLU A 308 27.90 -21.88 38.60
C GLU A 308 26.41 -21.55 38.70
N GLU A 309 26.08 -20.55 39.51
CA GLU A 309 24.69 -20.13 39.73
C GLU A 309 24.05 -19.53 38.46
N ARG A 310 24.86 -18.81 37.66
CA ARG A 310 24.44 -18.29 36.36
C ARG A 310 24.23 -19.42 35.34
N LYS A 311 25.08 -20.45 35.38
CA LYS A 311 24.92 -21.61 34.49
C LYS A 311 23.61 -22.38 34.78
N LYS A 312 23.23 -22.49 36.05
CA LYS A 312 21.96 -23.11 36.44
C LYS A 312 20.74 -22.25 36.05
N TYR A 313 20.89 -20.94 36.17
CA TYR A 313 19.89 -20.01 35.67
C TYR A 313 19.71 -20.15 34.16
N GLU A 314 20.83 -20.19 33.43
CA GLU A 314 20.84 -20.45 31.99
C GLU A 314 20.12 -21.72 31.51
N GLN A 315 20.45 -22.88 32.08
CA GLN A 315 19.82 -24.13 31.66
C GLN A 315 18.31 -24.02 31.81
N GLU A 316 17.92 -23.55 32.96
CA GLU A 316 16.55 -23.39 33.34
C GLU A 316 15.83 -22.33 32.48
N PHE A 317 16.55 -21.31 32.02
CA PHE A 317 15.97 -20.29 31.11
C PHE A 317 15.61 -20.95 29.80
N GLU A 318 16.59 -21.67 29.24
CA GLU A 318 16.47 -22.35 27.97
C GLU A 318 15.39 -23.42 27.92
N SER A 319 15.28 -24.20 28.97
CA SER A 319 14.36 -25.34 29.01
C SER A 319 12.97 -25.02 29.52
N LYS A 320 12.83 -24.06 30.45
CA LYS A 320 11.55 -23.78 31.10
C LYS A 320 11.10 -22.30 30.90
N TRP A 321 11.87 -21.30 31.36
CA TRP A 321 11.33 -19.93 31.43
C TRP A 321 11.09 -19.28 30.06
N LYS A 322 11.97 -19.50 29.10
CA LYS A 322 11.76 -18.96 27.77
C LYS A 322 10.54 -19.60 27.07
N PRO A 323 10.49 -20.96 26.93
CA PRO A 323 9.31 -21.54 26.24
C PRO A 323 8.01 -21.29 26.97
N MET A 324 8.03 -21.35 28.31
CA MET A 324 6.80 -21.28 29.11
C MET A 324 6.29 -19.86 29.39
N ALA A 325 7.20 -18.89 29.54
CA ALA A 325 6.84 -17.54 30.03
C ALA A 325 7.01 -16.51 28.89
N LEU A 326 8.23 -16.35 28.42
CA LEU A 326 8.50 -15.41 27.35
C LEU A 326 7.72 -15.75 26.11
N GLU A 327 7.65 -17.03 25.77
CA GLU A 327 6.86 -17.41 24.61
C GLU A 327 5.45 -17.77 25.01
N GLY A 328 5.32 -18.81 25.82
CA GLY A 328 4.03 -19.25 26.38
C GLY A 328 3.12 -18.21 26.97
N PHE A 329 3.58 -17.46 27.93
CA PHE A 329 2.74 -16.43 28.54
C PHE A 329 2.64 -15.13 27.70
N ASN A 330 3.75 -14.60 27.20
CA ASN A 330 3.69 -13.29 26.46
C ASN A 330 3.14 -13.30 25.04
N ASN A 331 3.06 -14.50 24.41
CA ASN A 331 2.46 -14.57 23.08
C ASN A 331 1.07 -13.95 23.09
N ASP A 332 0.29 -14.10 24.17
CA ASP A 332 -1.01 -13.40 24.18
C ASP A 332 -0.89 -11.88 24.13
N ASP A 333 0.16 -11.35 24.75
CA ASP A 333 0.40 -9.90 24.72
C ASP A 333 0.59 -9.44 23.29
N ILE A 334 1.24 -10.28 22.47
CA ILE A 334 1.56 -9.90 21.12
C ILE A 334 0.30 -9.72 20.30
N TRP A 335 -0.58 -10.71 20.32
CA TRP A 335 -1.82 -10.59 19.57
C TRP A 335 -2.80 -9.53 20.14
N ALA A 336 -2.77 -9.27 21.44
CA ALA A 336 -3.54 -8.09 22.02
C ALA A 336 -3.11 -6.71 21.44
N ARG A 337 -1.79 -6.45 21.45
CA ARG A 337 -1.22 -5.22 20.83
C ARG A 337 -1.69 -5.04 19.43
N GLU A 338 -1.56 -6.11 18.68
CA GLU A 338 -1.92 -6.10 17.30
C GLU A 338 -3.41 -5.83 17.13
N ALA A 339 -4.24 -6.38 18.02
CA ALA A 339 -5.67 -6.11 17.96
C ALA A 339 -6.06 -4.59 18.21
N MET A 340 -5.18 -3.80 18.81
CA MET A 340 -5.48 -2.33 18.99
C MET A 340 -5.03 -1.51 17.83
N VAL A 341 -4.33 -2.13 16.86
CA VAL A 341 -3.72 -1.36 15.76
C VAL A 341 -4.76 -0.51 15.04
N ASP A 342 -5.85 -1.14 14.61
CA ASP A 342 -6.84 -0.44 13.74
C ASP A 342 -7.46 0.77 14.47
N PHE A 343 -7.82 0.64 15.72
CA PHE A 343 -8.48 1.74 16.45
C PHE A 343 -7.58 2.96 16.57
N TYR A 344 -6.31 2.70 16.77
CA TYR A 344 -5.36 3.78 16.95
C TYR A 344 -4.60 4.19 15.71
N ALA A 345 -4.70 3.42 14.61
CA ALA A 345 -3.98 3.68 13.35
C ALA A 345 -4.09 5.07 12.77
N ASP A 346 -5.28 5.60 12.81
CA ASP A 346 -5.53 6.93 12.26
C ASP A 346 -5.47 8.06 13.33
N ASP A 347 -4.86 7.76 14.48
CA ASP A 347 -4.80 8.61 15.69
C ASP A 347 -6.14 8.93 16.41
N LYS A 348 -7.23 8.26 16.01
CA LYS A 348 -8.59 8.53 16.48
C LYS A 348 -8.90 7.85 17.79
N GLY A 349 -8.33 6.64 17.97
CA GLY A 349 -8.42 5.89 19.22
C GLY A 349 -8.10 6.65 20.48
N TRP A 350 -7.18 7.64 20.40
CA TRP A 350 -6.81 8.47 21.55
C TRP A 350 -7.94 9.38 22.00
N VAL A 351 -8.86 9.68 21.11
CA VAL A 351 -10.02 10.50 21.48
C VAL A 351 -11.26 9.64 21.71
N ASN A 352 -11.36 8.46 21.05
CA ASN A 352 -12.58 7.67 21.06
C ASN A 352 -12.62 6.52 22.07
N GLU A 353 -11.46 6.14 22.61
CA GLU A 353 -11.42 5.15 23.68
C GLU A 353 -12.37 5.54 24.85
N ILE A 354 -12.88 4.56 25.58
CA ILE A 354 -13.61 4.78 26.84
C ILE A 354 -12.88 3.99 27.91
N LEU A 355 -12.09 4.69 28.74
CA LEU A 355 -11.31 4.10 29.84
C LEU A 355 -12.17 3.82 31.08
N PHE A 356 -11.72 2.86 31.88
CA PHE A 356 -12.34 2.54 33.17
C PHE A 356 -11.26 2.59 34.26
N GLU A 357 -11.63 2.18 35.49
CA GLU A 357 -10.87 2.55 36.68
C GLU A 357 -9.48 1.96 36.64
N SER A 358 -9.31 0.72 36.22
CA SER A 358 -7.94 0.20 36.20
C SER A 358 -7.00 0.93 35.25
N ASP A 359 -7.52 1.82 34.37
CA ASP A 359 -6.68 2.55 33.39
C ASP A 359 -6.03 3.81 33.96
N GLU A 360 -6.30 4.10 35.24
CA GLU A 360 -5.51 5.07 36.01
C GLU A 360 -3.99 4.86 35.85
N ALA A 361 -3.51 3.64 35.99
CA ALA A 361 -2.10 3.28 35.72
C ALA A 361 -1.59 3.77 34.34
N ILE A 362 -2.40 3.52 33.32
CA ILE A 362 -2.06 3.92 31.97
C ILE A 362 -2.08 5.40 31.79
N VAL A 363 -3.08 6.06 32.37
CA VAL A 363 -3.14 7.50 32.28
C VAL A 363 -1.94 8.12 33.00
N ALA A 364 -1.55 7.56 34.13
CA ALA A 364 -0.39 8.07 34.88
C ALA A 364 0.93 8.00 34.03
N TRP A 365 1.11 6.86 33.36
CA TRP A 365 2.18 6.66 32.39
C TRP A 365 2.15 7.68 31.30
N ARG A 366 0.99 7.93 30.71
CA ARG A 366 0.90 8.87 29.58
C ARG A 366 1.26 10.31 29.96
N LYS A 367 0.90 10.67 31.19
CA LYS A 367 1.25 11.97 31.76
C LYS A 367 2.74 12.00 32.08
N LEU A 368 3.23 10.95 32.76
CA LEU A 368 4.66 10.88 33.02
C LEU A 368 5.50 11.01 31.70
N ALA A 369 5.17 10.18 30.69
CA ALA A 369 5.89 10.18 29.39
C ALA A 369 5.85 11.57 28.81
N SER A 370 4.69 12.20 28.94
CA SER A 370 4.44 13.54 28.34
C SER A 370 5.30 14.60 28.99
N GLU A 371 5.46 14.50 30.28
CA GLU A 371 6.15 15.55 31.04
C GLU A 371 7.67 15.39 31.04
N HIS A 372 8.16 14.14 31.08
CA HIS A 372 9.54 13.85 31.39
C HIS A 372 10.35 13.21 30.25
N ASN A 373 9.80 13.07 29.06
CA ASN A 373 10.59 12.58 27.93
C ASN A 373 11.70 13.58 27.52
N GLN A 374 12.68 13.10 26.80
CA GLN A 374 13.84 13.96 26.44
C GLN A 374 13.77 14.52 25.02
N GLY A 375 12.62 14.39 24.36
CA GLY A 375 12.34 14.98 23.09
C GLY A 375 11.51 14.04 22.23
N ILE A 376 10.77 14.64 21.33
CA ILE A 376 9.91 13.89 20.44
C ILE A 376 10.58 13.73 19.08
N GLN A 377 10.75 12.47 18.67
CA GLN A 377 11.34 12.11 17.42
C GLN A 377 10.29 12.50 16.38
N THR A 378 10.71 13.19 15.36
CA THR A 378 9.81 13.56 14.25
C THR A 378 10.46 13.08 12.94
N GLN A 379 9.69 13.15 11.86
CA GLN A 379 10.15 12.85 10.51
C GLN A 379 11.27 13.73 10.06
N ALA A 380 11.29 14.97 10.54
CA ALA A 380 12.38 15.88 10.21
C ALA A 380 13.69 15.36 10.78
N HIS A 381 13.68 14.79 12.00
CA HIS A 381 14.86 14.03 12.46
C HIS A 381 15.18 12.82 11.51
N VAL A 382 14.18 12.13 10.98
CA VAL A 382 14.44 10.94 10.17
C VAL A 382 15.04 11.37 8.83
N SER A 383 14.47 12.43 8.25
CA SER A 383 14.88 12.96 6.95
C SER A 383 15.59 14.30 7.15
N GLY A 384 14.86 15.42 7.16
CA GLY A 384 15.51 16.75 7.16
C GLY A 384 14.93 17.67 6.11
N ALA B 2 3.73 21.14 -8.89
CA ALA B 2 2.52 20.38 -9.36
C ALA B 2 2.59 18.90 -8.99
N ASN B 3 3.67 18.26 -9.42
CA ASN B 3 4.03 16.90 -9.03
C ASN B 3 4.85 16.87 -7.73
N VAL B 4 5.40 18.03 -7.35
CA VAL B 4 6.31 18.14 -6.21
C VAL B 4 5.98 19.40 -5.46
N ASP B 5 6.20 19.35 -4.16
CA ASP B 5 6.03 20.45 -3.26
C ASP B 5 6.93 21.65 -3.55
N GLU B 6 6.32 22.82 -3.48
CA GLU B 6 7.00 24.08 -3.74
C GLU B 6 8.11 24.40 -2.74
N ALA B 7 7.91 24.03 -1.48
CA ALA B 7 9.00 24.11 -0.48
C ALA B 7 10.26 23.32 -0.85
N ILE B 8 10.15 22.27 -1.68
CA ILE B 8 11.36 21.62 -2.25
C ILE B 8 11.84 22.40 -3.49
N LEU B 9 10.91 22.73 -4.40
CA LEU B 9 11.29 23.38 -5.70
C LEU B 9 12.03 24.69 -5.50
N LYS B 10 11.59 25.47 -4.52
CA LYS B 10 12.27 26.74 -4.23
C LYS B 10 13.71 26.53 -3.74
N ARG B 11 13.98 25.37 -3.18
CA ARG B 11 15.34 25.02 -2.75
C ARG B 11 16.26 24.41 -3.85
N VAL B 12 15.80 24.16 -5.07
CA VAL B 12 16.67 23.62 -6.12
C VAL B 12 16.75 24.52 -7.34
N LYS B 13 16.88 25.83 -7.12
CA LYS B 13 16.94 26.78 -8.24
C LYS B 13 18.07 26.44 -9.23
N GLY B 14 17.78 26.50 -10.52
CA GLY B 14 18.69 26.05 -11.52
C GLY B 14 18.21 24.73 -12.10
N TRP B 15 17.47 23.93 -11.33
CA TRP B 15 16.98 22.67 -11.90
C TRP B 15 15.66 22.18 -11.35
N ALA B 16 14.83 23.12 -10.91
CA ALA B 16 13.47 22.76 -10.40
C ALA B 16 12.53 22.09 -11.38
N PRO B 17 12.50 22.53 -12.68
CA PRO B 17 11.67 21.80 -13.66
C PRO B 17 12.09 20.27 -13.79
N TYR B 18 13.40 19.97 -13.72
CA TYR B 18 13.89 18.56 -13.59
C TYR B 18 13.35 17.80 -12.37
N VAL B 19 13.39 18.44 -11.19
CA VAL B 19 12.83 17.87 -9.98
C VAL B 19 11.29 17.70 -10.06
N ASP B 20 10.63 18.59 -10.80
CA ASP B 20 9.21 18.54 -10.97
C ASP B 20 8.80 17.45 -11.96
N ALA B 21 9.72 17.01 -12.82
CA ALA B 21 9.42 16.12 -13.92
C ALA B 21 9.51 14.64 -13.43
N LYS B 22 8.71 14.32 -12.44
CA LYS B 22 8.68 13.03 -11.84
C LYS B 22 8.20 11.96 -12.84
N LEU B 23 7.33 12.39 -13.76
CA LEU B 23 6.73 11.56 -14.81
C LEU B 23 7.43 11.66 -16.15
N GLY B 24 8.40 12.55 -16.23
CA GLY B 24 9.19 12.68 -17.43
C GLY B 24 8.81 13.94 -18.17
N PHE B 25 9.35 14.08 -19.34
CA PHE B 25 9.10 15.24 -20.18
C PHE B 25 8.23 14.88 -21.34
N ARG B 26 7.19 15.68 -21.50
CA ARG B 26 6.24 15.57 -22.61
C ARG B 26 6.81 16.20 -23.85
N ASN B 27 6.34 15.76 -25.03
CA ASN B 27 6.75 16.32 -26.30
C ASN B 27 8.17 15.92 -26.70
N HIS B 28 8.46 14.66 -26.43
CA HIS B 28 9.62 13.95 -26.95
C HIS B 28 9.23 12.54 -27.42
N TRP B 29 10.13 11.96 -28.21
CA TRP B 29 10.03 10.62 -28.66
C TRP B 29 10.66 9.73 -27.61
N TYR B 30 10.07 8.60 -27.33
CA TYR B 30 10.65 7.59 -26.44
C TYR B 30 10.53 6.20 -27.08
N PRO B 31 11.58 5.36 -26.98
CA PRO B 31 11.44 3.93 -27.36
C PRO B 31 10.73 3.13 -26.29
N VAL B 32 9.84 2.21 -26.71
CA VAL B 32 9.04 1.41 -25.78
C VAL B 32 9.07 -0.07 -26.02
N MET B 33 9.45 -0.51 -27.20
CA MET B 33 9.56 -1.95 -27.48
C MET B 33 10.31 -2.10 -28.79
N PHE B 34 10.57 -3.35 -29.16
CA PHE B 34 11.21 -3.67 -30.42
C PHE B 34 10.17 -3.99 -31.51
N SER B 35 10.56 -3.74 -32.75
CA SER B 35 9.66 -3.87 -33.91
C SER B 35 9.09 -5.26 -34.00
N LYS B 36 9.93 -6.27 -33.77
CA LYS B 36 9.49 -7.65 -33.83
C LYS B 36 8.47 -8.00 -32.78
N GLU B 37 8.34 -7.20 -31.73
CA GLU B 37 7.40 -7.53 -30.67
C GLU B 37 6.03 -7.03 -31.02
N ILE B 38 5.91 -6.24 -32.07
CA ILE B 38 4.58 -5.73 -32.44
C ILE B 38 4.26 -6.21 -33.89
N ASN B 39 3.43 -7.25 -33.98
CA ASN B 39 3.02 -7.80 -35.31
C ASN B 39 1.73 -7.24 -35.84
N GLU B 40 1.56 -7.41 -37.16
CA GLU B 40 0.30 -7.08 -37.89
C GLU B 40 -0.96 -7.55 -37.12
N GLY B 41 -1.85 -6.62 -36.87
CA GLY B 41 -3.12 -6.98 -36.24
C GLY B 41 -3.08 -7.52 -34.81
N GLU B 42 -2.02 -7.29 -34.06
CA GLU B 42 -1.91 -7.82 -32.70
C GLU B 42 -1.57 -6.69 -31.69
N PRO B 43 -2.59 -5.91 -31.26
CA PRO B 43 -2.31 -4.71 -30.48
C PRO B 43 -1.56 -5.00 -29.19
N LYS B 44 -0.70 -4.07 -28.77
CA LYS B 44 0.03 -4.23 -27.52
C LYS B 44 -0.20 -3.02 -26.63
N THR B 45 -0.30 -3.33 -25.35
CA THR B 45 -0.51 -2.38 -24.33
C THR B 45 0.80 -2.02 -23.61
N LEU B 46 0.95 -0.76 -23.25
CA LEU B 46 2.06 -0.31 -22.44
C LEU B 46 1.70 1.00 -21.76
N LYS B 47 2.49 1.35 -20.73
CA LYS B 47 2.31 2.60 -20.02
C LYS B 47 3.53 3.46 -20.23
N LEU B 48 3.31 4.72 -20.60
CA LEU B 48 4.37 5.64 -20.95
C LEU B 48 4.04 7.03 -20.41
N LEU B 49 4.95 7.62 -19.65
CA LEU B 49 4.70 8.95 -19.04
C LEU B 49 3.42 8.95 -18.18
N GLY B 50 3.16 7.78 -17.57
CA GLY B 50 1.96 7.51 -16.83
C GLY B 50 0.67 7.22 -17.60
N GLU B 51 0.71 7.26 -18.93
CA GLU B 51 -0.49 7.12 -19.74
C GLU B 51 -0.51 5.67 -20.27
N ASN B 52 -1.64 4.99 -20.17
CA ASN B 52 -1.81 3.69 -20.85
C ASN B 52 -2.09 3.91 -22.32
N LEU B 53 -1.32 3.21 -23.14
CA LEU B 53 -1.32 3.37 -24.58
C LEU B 53 -1.55 2.00 -25.22
N LEU B 54 -2.19 2.03 -26.37
CA LEU B 54 -2.35 0.83 -27.24
C LEU B 54 -1.65 1.12 -28.54
N VAL B 55 -0.77 0.21 -28.97
CA VAL B 55 -0.11 0.31 -30.23
C VAL B 55 -0.59 -0.87 -31.12
N ASN B 56 -0.74 -0.64 -32.44
CA ASN B 56 -1.14 -1.68 -33.37
C ASN B 56 -0.39 -1.54 -34.64
N ARG B 57 -0.25 -2.67 -35.35
CA ARG B 57 0.35 -2.64 -36.67
C ARG B 57 -0.72 -2.95 -37.73
N ILE B 58 -0.92 -2.00 -38.65
CA ILE B 58 -1.99 -2.04 -39.67
C ILE B 58 -1.40 -1.74 -41.06
N ASP B 59 -1.36 -2.79 -41.90
CA ASP B 59 -0.78 -2.73 -43.27
C ASP B 59 0.69 -2.29 -43.18
N GLY B 60 1.39 -2.88 -42.20
CA GLY B 60 2.78 -2.60 -41.87
C GLY B 60 3.03 -1.33 -41.03
N LYS B 61 2.09 -0.40 -41.01
CA LYS B 61 2.29 0.89 -40.36
C LYS B 61 1.78 0.82 -38.90
N LEU B 62 2.47 1.52 -38.01
CA LEU B 62 2.19 1.52 -36.58
C LEU B 62 1.33 2.71 -36.21
N TYR B 63 0.41 2.46 -35.29
CA TYR B 63 -0.51 3.48 -34.78
C TYR B 63 -0.62 3.34 -33.30
N CYS B 64 -0.92 4.45 -32.65
CA CYS B 64 -0.96 4.50 -31.18
C CYS B 64 -2.17 5.27 -30.72
N LEU B 65 -3.02 4.58 -29.97
CA LEU B 65 -4.20 5.17 -29.32
C LEU B 65 -4.04 5.11 -27.82
N LYS B 66 -4.52 6.16 -27.17
CA LYS B 66 -4.67 6.12 -25.72
C LYS B 66 -5.60 4.96 -25.26
N ASP B 67 -5.11 4.14 -24.35
CA ASP B 67 -5.83 2.93 -23.89
C ASP B 67 -6.81 3.33 -22.78
N ARG B 68 -7.80 4.13 -23.11
CA ARG B 68 -8.80 4.57 -22.13
C ARG B 68 -10.06 5.05 -22.90
N CYS B 69 -11.16 4.33 -22.78
CA CYS B 69 -12.36 4.72 -23.51
C CYS B 69 -12.87 6.09 -23.02
N LEU B 70 -13.37 6.92 -23.93
CA LEU B 70 -13.91 8.25 -23.58
C LEU B 70 -15.20 8.14 -22.76
N HIS B 71 -15.90 7.01 -22.93
CA HIS B 71 -17.22 6.83 -22.29
C HIS B 71 -17.15 6.68 -20.81
N ARG B 72 -16.72 5.49 -20.36
CA ARG B 72 -16.61 5.25 -18.92
C ARG B 72 -15.21 4.95 -18.48
N GLY B 73 -14.20 5.23 -19.32
CA GLY B 73 -12.85 5.34 -18.80
C GLY B 73 -12.16 4.00 -18.61
N VAL B 74 -12.72 2.93 -19.16
CA VAL B 74 -12.07 1.61 -19.11
C VAL B 74 -10.90 1.50 -20.08
N GLN B 75 -9.96 0.62 -19.77
CA GLN B 75 -8.94 0.31 -20.74
C GLN B 75 -9.61 -0.62 -21.77
N LEU B 76 -9.48 -0.25 -23.02
CA LEU B 76 -9.94 -1.04 -24.15
C LEU B 76 -9.21 -2.39 -24.20
N SER B 77 -7.97 -2.38 -23.71
CA SER B 77 -7.11 -3.56 -23.76
C SER B 77 -7.54 -4.63 -22.72
N VAL B 78 -8.53 -4.37 -21.88
CA VAL B 78 -9.04 -5.43 -21.01
C VAL B 78 -9.63 -6.57 -21.88
N LYS B 79 -10.23 -6.23 -23.02
CA LYS B 79 -10.69 -7.18 -24.02
C LYS B 79 -10.68 -6.46 -25.33
N VAL B 80 -9.59 -6.67 -26.04
CA VAL B 80 -9.38 -6.10 -27.37
C VAL B 80 -10.34 -6.68 -28.41
N GLU B 81 -11.10 -5.77 -29.06
CA GLU B 81 -12.03 -6.09 -30.14
C GLU B 81 -11.75 -5.20 -31.37
N CYS B 82 -10.90 -5.68 -32.25
CA CYS B 82 -10.62 -5.01 -33.52
C CYS B 82 -11.55 -5.68 -34.53
N LYS B 83 -12.61 -4.98 -34.93
CA LYS B 83 -13.67 -5.55 -35.73
C LYS B 83 -13.44 -5.30 -37.19
N THR B 84 -12.62 -4.29 -37.50
CA THR B 84 -12.13 -4.03 -38.84
C THR B 84 -10.69 -3.64 -38.66
N LYS B 85 -9.97 -3.63 -39.79
CA LYS B 85 -8.54 -3.36 -39.79
C LYS B 85 -8.28 -1.96 -39.24
N SER B 86 -9.08 -0.99 -39.66
CA SER B 86 -8.83 0.40 -39.31
C SER B 86 -9.47 0.90 -37.99
N THR B 87 -10.12 0.03 -37.23
CA THR B 87 -10.77 0.44 -36.03
C THR B 87 -10.50 -0.52 -34.84
N ILE B 88 -10.82 0.03 -33.68
CA ILE B 88 -10.97 -0.74 -32.44
C ILE B 88 -12.28 -0.39 -31.79
N THR B 89 -12.97 -1.41 -31.32
CA THR B 89 -14.26 -1.30 -30.67
C THR B 89 -14.08 -1.60 -29.18
N CYS B 90 -14.46 -0.62 -28.35
CA CYS B 90 -14.53 -0.84 -26.90
C CYS B 90 -15.41 -2.04 -26.53
N TRP B 91 -14.90 -2.87 -25.64
CA TRP B 91 -15.57 -4.14 -25.32
C TRP B 91 -16.84 -3.94 -24.47
N TYR B 92 -17.05 -2.75 -23.92
CA TYR B 92 -18.11 -2.50 -22.97
C TYR B 92 -19.41 -2.04 -23.65
N HIS B 93 -19.42 -0.90 -24.31
CA HIS B 93 -20.63 -0.41 -25.02
C HIS B 93 -20.32 -0.12 -26.48
N ALA B 94 -19.22 -0.70 -26.95
CA ALA B 94 -18.93 -0.71 -28.39
C ALA B 94 -18.71 0.62 -29.10
N TRP B 95 -18.25 1.64 -28.38
CA TRP B 95 -17.77 2.85 -28.99
C TRP B 95 -16.56 2.48 -29.82
N THR B 96 -16.52 2.96 -31.05
CA THR B 96 -15.58 2.44 -32.00
C THR B 96 -14.80 3.61 -32.57
N TYR B 97 -13.46 3.43 -32.53
CA TYR B 97 -12.50 4.42 -32.90
C TYR B 97 -11.59 3.95 -34.06
N ARG B 98 -11.26 4.92 -34.93
CA ARG B 98 -10.24 4.76 -35.98
C ARG B 98 -8.82 4.86 -35.40
N TRP B 99 -8.00 3.88 -35.72
CA TRP B 99 -6.60 4.02 -35.32
C TRP B 99 -5.95 5.31 -35.87
N GLU B 100 -6.34 5.79 -37.05
CA GLU B 100 -5.56 6.78 -37.78
C GLU B 100 -5.70 8.18 -37.19
N ASP B 101 -6.84 8.51 -36.61
CA ASP B 101 -7.08 9.84 -36.04
C ASP B 101 -7.88 9.82 -34.74
N GLY B 102 -8.22 8.62 -34.26
CA GLY B 102 -8.87 8.54 -32.99
C GLY B 102 -10.34 8.93 -33.01
N VAL B 103 -10.90 9.22 -34.18
CA VAL B 103 -12.29 9.66 -34.25
C VAL B 103 -13.23 8.53 -33.88
N LEU B 104 -14.21 8.89 -33.05
CA LEU B 104 -15.35 8.04 -32.72
C LEU B 104 -16.23 7.98 -33.97
N CYS B 105 -16.06 6.91 -34.75
CA CYS B 105 -16.72 6.73 -36.02
C CYS B 105 -18.02 5.88 -35.99
N ASP B 106 -18.31 5.21 -34.89
CA ASP B 106 -19.44 4.29 -34.83
C ASP B 106 -19.64 3.95 -33.38
N ILE B 107 -20.89 3.66 -33.01
CA ILE B 107 -21.15 2.95 -31.74
C ILE B 107 -22.13 1.77 -32.01
N LEU B 108 -21.66 0.54 -31.82
CA LEU B 108 -22.49 -0.63 -32.21
C LEU B 108 -23.77 -0.76 -31.42
N THR B 109 -23.74 -0.33 -30.17
CA THR B 109 -24.84 -0.37 -29.28
C THR B 109 -25.85 0.77 -29.53
N ASN B 110 -25.51 1.79 -30.34
CA ASN B 110 -26.47 2.86 -30.66
C ASN B 110 -26.00 3.66 -31.90
N PRO B 111 -26.34 3.14 -33.10
CA PRO B 111 -25.85 3.76 -34.34
C PRO B 111 -26.45 5.12 -34.68
N THR B 112 -27.34 5.61 -33.83
CA THR B 112 -27.93 6.92 -33.96
C THR B 112 -27.42 7.89 -32.92
N SER B 113 -26.48 7.49 -32.05
CA SER B 113 -25.97 8.42 -31.07
C SER B 113 -25.43 9.71 -31.70
N ALA B 114 -25.75 10.83 -31.07
CA ALA B 114 -25.18 12.13 -31.40
C ALA B 114 -23.69 12.25 -31.07
N GLN B 115 -23.13 11.27 -30.34
CA GLN B 115 -21.67 11.27 -30.10
C GLN B 115 -20.88 10.91 -31.35
N ILE B 116 -21.47 10.17 -32.28
CA ILE B 116 -20.71 9.63 -33.40
C ILE B 116 -20.21 10.78 -34.27
N GLY B 117 -18.92 10.76 -34.56
CA GLY B 117 -18.28 11.84 -35.29
C GLY B 117 -18.11 13.14 -34.55
N ARG B 118 -18.40 13.20 -33.28
CA ARG B 118 -18.17 14.40 -32.50
C ARG B 118 -17.21 14.21 -31.31
N GLN B 119 -16.51 13.08 -31.24
CA GLN B 119 -15.54 12.85 -30.17
C GLN B 119 -14.32 12.25 -30.82
N LYS B 120 -13.19 12.44 -30.18
CA LYS B 120 -11.96 11.91 -30.72
C LYS B 120 -11.10 11.42 -29.52
N LEU B 121 -10.62 10.19 -29.59
CA LEU B 121 -9.73 9.66 -28.61
C LEU B 121 -8.28 10.12 -28.92
N LYS B 122 -7.52 10.47 -27.91
CA LYS B 122 -6.15 10.90 -28.12
C LYS B 122 -5.32 9.81 -28.93
N THR B 123 -4.60 10.25 -29.98
CA THR B 123 -3.57 9.43 -30.64
C THR B 123 -2.18 10.05 -30.43
N TYR B 124 -1.19 9.20 -30.64
CA TYR B 124 0.21 9.63 -30.65
C TYR B 124 0.98 9.13 -31.85
N PRO B 125 1.85 9.99 -32.47
CA PRO B 125 2.71 9.48 -33.49
C PRO B 125 3.58 8.36 -33.00
N VAL B 126 3.78 7.36 -33.86
CA VAL B 126 4.65 6.25 -33.65
C VAL B 126 5.54 6.09 -34.86
N GLN B 127 6.81 5.72 -34.63
CA GLN B 127 7.82 5.57 -35.73
C GLN B 127 8.82 4.48 -35.32
N GLU B 128 9.27 3.69 -36.28
CA GLU B 128 10.19 2.56 -36.06
C GLU B 128 11.55 2.94 -36.65
N ALA B 129 12.64 2.71 -35.93
CA ALA B 129 13.96 3.00 -36.45
C ALA B 129 14.91 1.99 -35.82
N LYS B 130 15.76 1.40 -36.65
CA LYS B 130 16.76 0.44 -36.16
C LYS B 130 16.17 -0.67 -35.31
N GLY B 131 15.01 -1.19 -35.70
CA GLY B 131 14.31 -2.25 -34.96
C GLY B 131 13.62 -1.91 -33.65
N CYS B 132 13.51 -0.61 -33.36
CA CYS B 132 12.95 -0.11 -32.09
C CYS B 132 11.78 0.79 -32.46
N VAL B 133 10.71 0.69 -31.67
CA VAL B 133 9.50 1.48 -31.80
C VAL B 133 9.53 2.69 -30.83
N PHE B 134 9.41 3.88 -31.39
CA PHE B 134 9.41 5.15 -30.72
C PHE B 134 7.96 5.76 -30.79
N ILE B 135 7.47 6.22 -29.64
CA ILE B 135 6.20 6.91 -29.55
C ILE B 135 6.52 8.38 -29.17
N TYR B 136 5.93 9.32 -29.89
CA TYR B 136 5.98 10.74 -29.57
C TYR B 136 4.92 11.04 -28.53
N LEU B 137 5.32 11.01 -27.29
CA LEU B 137 4.38 11.30 -26.21
C LEU B 137 4.25 12.84 -26.09
N GLY B 138 3.50 13.41 -27.03
CA GLY B 138 3.17 14.80 -27.00
C GLY B 138 2.07 15.20 -27.99
N ASP B 139 1.88 16.50 -28.03
CA ASP B 139 0.77 17.11 -28.71
C ASP B 139 1.19 17.77 -30.00
N GLY B 140 0.31 17.80 -30.99
CA GLY B 140 0.68 18.55 -32.21
C GLY B 140 1.70 17.80 -33.03
N ASP B 141 2.34 18.47 -33.98
CA ASP B 141 3.14 17.77 -35.00
C ASP B 141 4.50 17.45 -34.45
N PRO B 142 4.99 16.21 -34.65
CA PRO B 142 6.27 15.84 -34.05
C PRO B 142 7.50 16.48 -34.72
N PRO B 143 8.58 16.58 -33.97
CA PRO B 143 9.86 16.87 -34.54
C PRO B 143 10.42 15.62 -35.17
N PRO B 144 11.53 15.77 -35.92
CA PRO B 144 12.21 14.53 -36.35
C PRO B 144 12.73 13.73 -35.15
N LEU B 145 12.69 12.42 -35.32
CA LEU B 145 13.17 11.48 -34.37
C LEU B 145 14.62 11.77 -33.92
N ALA B 146 15.45 12.15 -34.88
CA ALA B 146 16.88 12.41 -34.68
C ALA B 146 17.13 13.41 -33.56
N ARG B 147 16.21 14.37 -33.36
CA ARG B 147 16.35 15.31 -32.24
C ARG B 147 16.46 14.64 -30.86
N ASP B 148 15.75 13.55 -30.69
CA ASP B 148 15.63 12.82 -29.40
C ASP B 148 16.36 11.48 -29.42
N THR B 149 17.40 11.40 -30.25
CA THR B 149 18.28 10.22 -30.29
C THR B 149 19.69 10.76 -30.28
N PRO B 150 20.63 9.96 -29.73
CA PRO B 150 21.99 10.43 -29.68
C PRO B 150 22.66 10.34 -31.05
N PRO B 151 23.69 11.18 -31.27
CA PRO B 151 24.48 11.07 -32.50
C PRO B 151 24.92 9.61 -32.80
N ASN B 152 24.76 9.22 -34.05
CA ASN B 152 25.20 7.95 -34.66
C ASN B 152 24.23 6.79 -34.47
N PHE B 153 23.18 6.92 -33.62
CA PHE B 153 22.21 5.85 -33.47
C PHE B 153 21.50 5.47 -34.81
N LEU B 154 21.14 6.50 -35.54
CA LEU B 154 20.52 6.40 -36.86
C LEU B 154 21.46 6.21 -38.04
N ASP B 155 22.79 6.06 -37.87
CA ASP B 155 23.73 5.93 -39.03
C ASP B 155 23.31 4.73 -39.79
N ASP B 156 23.35 4.81 -41.12
CA ASP B 156 23.01 3.69 -42.03
C ASP B 156 23.62 2.34 -41.70
N ASP B 157 24.92 2.30 -41.48
CA ASP B 157 25.57 1.03 -41.26
C ASP B 157 25.38 0.50 -39.78
N MET B 158 24.85 1.33 -38.85
CA MET B 158 24.85 0.95 -37.41
C MET B 158 23.80 -0.11 -37.12
N GLU B 159 24.21 -1.33 -36.93
CA GLU B 159 23.26 -2.41 -36.60
C GLU B 159 22.96 -2.40 -35.08
N ILE B 160 21.69 -2.40 -34.66
CA ILE B 160 21.32 -2.20 -33.26
C ILE B 160 20.72 -3.47 -32.75
N LEU B 161 21.19 -3.94 -31.59
CA LEU B 161 20.58 -5.06 -30.89
C LEU B 161 20.39 -4.64 -29.47
N GLY B 162 19.41 -5.19 -28.83
CA GLY B 162 19.21 -4.84 -27.46
C GLY B 162 18.41 -5.76 -26.64
N LYS B 163 17.96 -5.18 -25.54
CA LYS B 163 17.18 -5.83 -24.52
C LYS B 163 16.36 -4.70 -23.82
N ASN B 164 15.13 -4.99 -23.37
CA ASN B 164 14.27 -4.02 -22.66
C ASN B 164 13.75 -4.71 -21.43
N GLN B 165 13.67 -3.99 -20.32
CA GLN B 165 13.00 -4.49 -19.15
C GLN B 165 12.47 -3.34 -18.27
N ILE B 166 11.58 -3.71 -17.35
CA ILE B 166 10.94 -2.77 -16.46
C ILE B 166 11.70 -2.77 -15.16
N ILE B 167 12.15 -1.58 -14.73
CA ILE B 167 12.87 -1.46 -13.50
C ILE B 167 12.12 -0.55 -12.53
N LYS B 168 12.11 -0.95 -11.26
CA LYS B 168 11.41 -0.18 -10.23
C LYS B 168 12.27 0.92 -9.61
N SER B 169 12.58 1.92 -10.40
CA SER B 169 13.04 3.16 -9.84
C SER B 169 12.52 4.26 -10.76
N ASN B 170 12.43 5.45 -10.19
CA ASN B 170 12.20 6.64 -11.01
C ASN B 170 13.27 6.80 -12.09
N TRP B 171 12.85 7.26 -13.25
CA TRP B 171 13.69 7.34 -14.41
C TRP B 171 14.96 8.21 -14.18
N ARG B 172 14.84 9.25 -13.36
CA ARG B 172 15.96 10.17 -13.19
C ARG B 172 17.09 9.54 -12.43
N LEU B 173 16.78 8.69 -11.48
CA LEU B 173 17.82 7.98 -10.76
C LEU B 173 18.64 7.10 -11.70
N ALA B 174 17.99 6.55 -12.71
CA ALA B 174 18.72 5.73 -13.73
C ALA B 174 19.62 6.55 -14.63
N VAL B 175 19.14 7.72 -15.03
CA VAL B 175 19.88 8.61 -15.90
C VAL B 175 21.08 9.07 -15.14
N GLU B 176 20.89 9.51 -13.91
CA GLU B 176 22.03 10.07 -13.14
C GLU B 176 23.06 9.00 -12.88
N ASN B 177 22.61 7.81 -12.51
CA ASN B 177 23.59 6.69 -12.38
C ASN B 177 24.36 6.46 -13.70
N GLY B 178 23.68 6.39 -14.81
CA GLY B 178 24.40 6.16 -16.07
C GLY B 178 25.45 7.23 -16.46
N PHE B 179 25.12 8.53 -16.21
CA PHE B 179 26.03 9.63 -16.56
C PHE B 179 27.04 10.01 -15.44
N ASP B 180 26.92 9.39 -14.30
CA ASP B 180 27.73 9.70 -13.12
C ASP B 180 29.19 9.20 -13.30
N PRO B 181 30.16 10.12 -13.36
CA PRO B 181 31.53 9.67 -13.65
C PRO B 181 32.19 8.78 -12.59
N SER B 182 31.87 8.99 -11.32
CA SER B 182 32.46 8.25 -10.25
C SER B 182 31.76 6.91 -9.90
N HIS B 183 30.61 6.66 -10.49
CA HIS B 183 29.86 5.47 -10.21
C HIS B 183 30.58 4.20 -10.72
N ILE B 184 31.59 4.35 -11.59
CA ILE B 184 32.32 3.27 -12.12
C ILE B 184 32.96 2.44 -11.03
N TYR B 185 33.11 3.02 -9.83
CA TYR B 185 33.46 2.25 -8.64
C TYR B 185 32.65 0.95 -8.42
N ILE B 186 31.37 0.98 -8.78
CA ILE B 186 30.50 -0.19 -8.60
C ILE B 186 30.84 -1.35 -9.60
N HIS B 187 31.54 -1.02 -10.66
CA HIS B 187 31.84 -1.95 -11.72
C HIS B 187 33.19 -2.62 -11.60
N LYS B 188 33.89 -2.31 -10.52
CA LYS B 188 35.26 -2.74 -10.32
C LYS B 188 35.47 -4.29 -10.37
N ASP B 189 34.46 -5.06 -10.00
CA ASP B 189 34.59 -6.53 -9.95
C ASP B 189 33.87 -7.19 -11.10
N SER B 190 33.51 -6.43 -12.15
CA SER B 190 32.67 -6.96 -13.22
CA SER B 190 32.67 -6.98 -13.17
C SER B 190 33.44 -7.98 -14.06
N ILE B 191 32.80 -9.04 -14.46
CA ILE B 191 33.45 -10.02 -15.34
C ILE B 191 33.83 -9.41 -16.67
N LEU B 192 32.99 -8.54 -17.23
CA LEU B 192 33.34 -7.80 -18.47
C LEU B 192 34.73 -7.17 -18.41
N VAL B 193 35.00 -6.50 -17.30
CA VAL B 193 36.18 -5.75 -17.10
C VAL B 193 37.39 -6.66 -17.06
N LYS B 194 37.26 -7.74 -16.33
CA LYS B 194 38.34 -8.71 -16.24
C LYS B 194 38.49 -9.40 -17.59
N ASP B 195 37.41 -9.93 -18.17
CA ASP B 195 37.51 -10.81 -19.37
C ASP B 195 37.79 -10.13 -20.74
N ASN B 196 37.41 -8.86 -20.84
CA ASN B 196 37.62 -8.11 -22.04
C ASN B 196 38.78 -7.14 -21.83
N ASP B 197 39.53 -7.33 -20.76
CA ASP B 197 40.64 -6.47 -20.39
C ASP B 197 40.43 -4.94 -20.59
N LEU B 198 39.32 -4.45 -20.01
CA LEU B 198 39.05 -3.01 -19.98
C LEU B 198 39.96 -2.33 -18.99
N ALA B 199 40.52 -1.22 -19.42
CA ALA B 199 41.07 -0.29 -18.47
C ALA B 199 39.95 0.33 -17.72
N LEU B 200 39.93 0.17 -16.40
CA LEU B 200 38.87 0.77 -15.56
C LEU B 200 39.39 1.28 -14.23
N PRO B 201 39.58 2.62 -14.13
CA PRO B 201 39.94 3.18 -12.87
C PRO B 201 38.80 3.10 -11.83
N LEU B 202 39.16 3.30 -10.57
CA LEU B 202 38.20 3.44 -9.52
C LEU B 202 37.42 4.74 -9.67
N GLY B 203 38.07 5.78 -10.19
CA GLY B 203 37.44 7.03 -10.53
C GLY B 203 38.47 7.97 -11.12
N PHE B 204 38.13 9.26 -11.16
CA PHE B 204 38.96 10.29 -11.72
C PHE B 204 39.02 11.47 -10.79
N ALA B 205 40.24 11.88 -10.39
CA ALA B 205 40.44 13.17 -9.72
C ALA B 205 40.49 14.27 -10.80
N PRO B 206 39.58 15.28 -10.75
CA PRO B 206 39.58 16.35 -11.77
C PRO B 206 40.97 16.92 -12.11
N GLY B 207 41.23 17.17 -13.40
CA GLY B 207 42.51 17.73 -13.90
C GLY B 207 42.82 19.18 -13.51
N GLY B 208 41.78 20.02 -13.42
CA GLY B 208 41.92 21.39 -12.94
C GLY B 208 40.58 21.96 -12.53
N ASP B 209 40.19 23.10 -13.13
CA ASP B 209 39.00 23.89 -12.72
C ASP B 209 37.64 23.12 -12.70
N ARG B 210 36.66 23.71 -11.99
CA ARG B 210 35.28 23.15 -11.85
C ARG B 210 34.39 23.76 -12.95
N LYS B 211 34.86 23.65 -14.20
CA LYS B 211 34.28 24.33 -15.38
C LYS B 211 34.88 23.87 -16.76
N GLN B 212 35.70 22.79 -16.76
CA GLN B 212 36.21 22.13 -17.98
C GLN B 212 35.83 20.62 -17.97
N GLN B 213 34.90 20.23 -17.08
CA GLN B 213 34.57 18.82 -16.85
C GLN B 213 33.46 18.32 -17.77
N THR B 214 32.68 19.26 -18.31
CA THR B 214 31.59 18.96 -19.21
C THR B 214 31.65 19.84 -20.44
N ARG B 215 31.00 19.39 -21.49
CA ARG B 215 30.75 20.20 -22.69
C ARG B 215 29.27 20.02 -22.97
N VAL B 216 28.54 21.13 -22.90
CA VAL B 216 27.11 21.16 -23.20
C VAL B 216 26.95 21.30 -24.71
N VAL B 217 26.13 20.46 -25.34
CA VAL B 217 25.85 20.55 -26.77
C VAL B 217 24.44 21.13 -26.86
N ASP B 218 24.40 22.43 -27.18
CA ASP B 218 23.17 23.22 -27.35
C ASP B 218 22.93 23.34 -28.83
N ASP B 219 23.95 23.83 -29.53
CA ASP B 219 24.06 23.72 -30.97
C ASP B 219 23.76 22.25 -31.31
N ASP B 220 23.86 21.95 -32.58
CA ASP B 220 23.50 20.68 -33.19
C ASP B 220 22.35 21.18 -33.98
N VAL B 221 22.45 20.94 -35.28
CA VAL B 221 21.53 21.44 -36.31
C VAL B 221 20.22 20.66 -36.38
N VAL B 222 20.26 19.37 -35.97
CA VAL B 222 19.07 18.53 -35.77
C VAL B 222 18.28 18.94 -34.48
N GLY B 223 18.87 19.75 -33.60
CA GLY B 223 18.21 20.22 -32.38
C GLY B 223 18.43 19.36 -31.13
N ARG B 224 19.29 18.31 -31.24
CA ARG B 224 19.70 17.47 -30.08
C ARG B 224 20.26 18.32 -28.96
N LYS B 225 19.98 17.93 -27.71
CA LYS B 225 20.45 18.66 -26.56
C LYS B 225 21.10 17.64 -25.63
N GLY B 226 22.40 17.80 -25.38
CA GLY B 226 23.19 16.85 -24.56
C GLY B 226 24.34 17.47 -23.77
N VAL B 227 24.91 16.66 -22.88
CA VAL B 227 26.14 16.94 -22.20
C VAL B 227 27.16 15.79 -22.43
N TYR B 228 28.40 16.16 -22.77
CA TYR B 228 29.53 15.27 -22.75
C TYR B 228 30.24 15.38 -21.41
N ASP B 229 30.56 14.23 -20.84
CA ASP B 229 31.40 14.13 -19.63
C ASP B 229 32.88 14.04 -20.05
N LEU B 230 33.65 15.05 -19.66
CA LEU B 230 35.06 15.15 -20.05
C LEU B 230 36.03 14.79 -18.96
N ILE B 231 35.55 14.42 -17.77
CA ILE B 231 36.46 14.23 -16.65
C ILE B 231 37.49 13.13 -16.99
N GLY B 232 37.08 12.10 -17.76
CA GLY B 232 37.89 10.90 -18.07
C GLY B 232 39.05 11.19 -18.98
N GLU B 233 38.87 12.23 -19.78
CA GLU B 233 39.85 12.67 -20.73
C GLU B 233 40.81 13.63 -20.08
N HIS B 234 40.33 14.46 -19.17
CA HIS B 234 41.14 15.53 -18.57
C HIS B 234 41.62 15.25 -17.14
N GLY B 235 40.98 14.31 -16.42
CA GLY B 235 41.41 14.00 -15.03
C GLY B 235 42.52 12.94 -14.90
N VAL B 236 42.85 12.66 -13.67
CA VAL B 236 43.93 11.73 -13.34
C VAL B 236 43.18 10.50 -12.85
N PRO B 237 43.36 9.38 -13.54
CA PRO B 237 42.64 8.18 -13.15
C PRO B 237 43.18 7.62 -11.79
N VAL B 238 42.30 7.16 -10.90
CA VAL B 238 42.71 6.61 -9.64
C VAL B 238 42.75 5.09 -9.86
N PHE B 239 43.94 4.48 -9.83
CA PHE B 239 44.11 3.00 -9.94
C PHE B 239 44.47 2.39 -8.60
N GLU B 240 44.90 3.23 -7.67
CA GLU B 240 45.22 2.81 -6.31
C GLU B 240 44.44 3.67 -5.32
N GLY B 241 43.36 3.09 -4.81
CA GLY B 241 42.57 3.72 -3.77
C GLY B 241 43.13 3.58 -2.40
N THR B 242 43.25 4.71 -1.68
CA THR B 242 43.83 4.75 -0.39
C THR B 242 42.90 5.16 0.76
N ILE B 243 43.16 4.54 1.90
CA ILE B 243 42.60 4.97 3.19
C ILE B 243 43.75 5.21 4.19
N GLY B 244 43.77 6.39 4.81
CA GLY B 244 44.88 6.77 5.67
C GLY B 244 46.23 6.64 4.99
N GLY B 245 46.28 6.92 3.68
CA GLY B 245 47.52 6.78 2.89
C GLY B 245 47.91 5.35 2.45
N GLU B 246 47.19 4.31 2.91
CA GLU B 246 47.45 2.91 2.58
C GLU B 246 46.55 2.44 1.44
N VAL B 247 47.14 1.71 0.51
CA VAL B 247 46.41 1.26 -0.66
C VAL B 247 45.48 0.16 -0.18
N VAL B 248 44.19 0.30 -0.44
CA VAL B 248 43.23 -0.76 -0.07
C VAL B 248 42.57 -1.40 -1.28
N ARG B 249 42.62 -0.76 -2.44
CA ARG B 249 41.94 -1.33 -3.59
C ARG B 249 42.64 -0.83 -4.85
N GLU B 250 42.70 -1.68 -5.86
CA GLU B 250 43.23 -1.28 -7.14
C GLU B 250 42.15 -1.32 -8.18
N GLY B 251 42.31 -0.50 -9.21
CA GLY B 251 41.46 -0.44 -10.35
C GLY B 251 41.87 -1.57 -11.27
N ALA B 252 41.24 -1.63 -12.44
CA ALA B 252 41.53 -2.66 -13.39
C ALA B 252 42.37 -2.09 -14.49
N TYR B 253 43.59 -2.54 -14.50
CA TYR B 253 44.51 -2.31 -15.61
C TYR B 253 43.95 -3.02 -16.79
N GLY B 254 44.19 -2.47 -17.97
CA GLY B 254 43.73 -3.12 -19.17
C GLY B 254 44.22 -2.41 -20.41
N GLU B 255 44.33 -3.19 -21.46
CA GLU B 255 44.65 -2.73 -22.79
C GLU B 255 43.56 -1.88 -23.45
N LYS B 256 42.32 -2.28 -23.33
CA LYS B 256 41.28 -1.67 -24.14
C LYS B 256 40.68 -0.42 -23.46
N ILE B 257 40.65 0.68 -24.20
CA ILE B 257 40.24 1.96 -23.64
C ILE B 257 38.81 2.09 -24.08
N VAL B 258 37.89 2.26 -23.16
CA VAL B 258 36.49 2.37 -23.60
C VAL B 258 35.93 3.62 -23.02
N ALA B 259 34.78 4.01 -23.51
CA ALA B 259 34.01 5.06 -22.92
C ALA B 259 34.76 6.41 -22.88
N ASN B 260 35.52 6.70 -23.94
CA ASN B 260 36.15 7.98 -24.22
C ASN B 260 35.12 9.09 -24.41
N ASP B 261 34.01 8.75 -25.03
CA ASP B 261 33.04 9.67 -25.54
C ASP B 261 31.79 9.21 -24.77
N ILE B 262 31.46 9.90 -23.69
CA ILE B 262 30.28 9.60 -22.86
C ILE B 262 29.37 10.80 -22.83
N SER B 263 28.12 10.61 -23.22
CA SER B 263 27.16 11.72 -23.31
C SER B 263 25.77 11.34 -22.94
N ILE B 264 25.06 12.31 -22.38
CA ILE B 264 23.61 12.19 -22.01
C ILE B 264 22.80 13.18 -22.85
N TRP B 265 21.65 12.74 -23.36
CA TRP B 265 20.82 13.53 -24.30
C TRP B 265 19.39 13.47 -23.81
N LEU B 266 18.67 14.62 -23.97
CA LEU B 266 17.25 14.65 -23.79
C LEU B 266 16.67 13.67 -24.84
N PRO B 267 15.63 12.93 -24.47
CA PRO B 267 14.82 13.07 -23.24
C PRO B 267 15.35 12.29 -22.02
N GLY B 268 16.34 11.40 -22.26
CA GLY B 268 17.05 10.66 -21.24
C GLY B 268 17.70 9.43 -21.86
N VAL B 269 18.76 9.66 -22.65
CA VAL B 269 19.46 8.62 -23.35
C VAL B 269 20.96 8.84 -23.30
N LEU B 270 21.63 7.81 -22.78
CA LEU B 270 23.08 7.75 -22.68
C LEU B 270 23.71 7.09 -23.88
N LYS B 271 24.78 7.72 -24.35
CA LYS B 271 25.61 7.18 -25.40
C LYS B 271 27.01 6.99 -24.80
N VAL B 272 27.53 5.77 -24.92
CA VAL B 272 28.87 5.43 -24.45
C VAL B 272 29.60 4.84 -25.60
N ASN B 273 30.71 5.49 -25.99
CA ASN B 273 31.50 5.15 -27.18
C ASN B 273 33.05 5.18 -26.91
N PRO B 274 33.82 4.15 -27.27
CA PRO B 274 33.31 2.84 -27.64
C PRO B 274 32.89 2.10 -26.39
N PHE B 275 32.02 1.10 -26.57
CA PHE B 275 31.65 0.19 -25.50
C PHE B 275 30.75 -0.92 -26.04
N PRO B 276 30.89 -2.16 -25.56
CA PRO B 276 31.88 -2.61 -24.59
C PRO B 276 33.19 -3.00 -25.26
N ASN B 277 33.27 -2.93 -26.60
CA ASN B 277 34.51 -3.18 -27.38
C ASN B 277 34.77 -1.93 -28.27
N PRO B 278 36.02 -1.74 -28.74
CA PRO B 278 36.46 -0.56 -29.50
C PRO B 278 35.63 -0.24 -30.75
N ASP B 279 35.03 -1.23 -31.39
CA ASP B 279 34.22 -0.90 -32.56
C ASP B 279 32.69 -0.90 -32.31
N MET B 280 32.26 -0.78 -31.06
CA MET B 280 30.84 -0.82 -30.77
C MET B 280 30.49 0.42 -29.99
N MET B 281 29.19 0.70 -29.90
CA MET B 281 28.65 1.76 -29.02
C MET B 281 27.46 1.24 -28.21
N GLN B 282 27.23 1.82 -27.03
CA GLN B 282 26.05 1.51 -26.21
C GLN B 282 25.17 2.79 -26.13
N PHE B 283 23.90 2.63 -26.49
CA PHE B 283 22.88 3.63 -26.34
C PHE B 283 21.81 3.03 -25.45
N GLU B 284 21.58 3.64 -24.30
CA GLU B 284 20.51 3.21 -23.39
C GLU B 284 19.59 4.36 -22.94
N TRP B 285 18.32 4.06 -22.99
CA TRP B 285 17.27 4.99 -22.56
C TRP B 285 16.74 4.55 -21.23
N TYR B 286 16.32 5.56 -20.45
CA TYR B 286 15.62 5.28 -19.19
C TYR B 286 14.21 5.91 -19.24
N VAL B 287 13.22 5.10 -19.63
CA VAL B 287 11.98 5.65 -20.16
C VAL B 287 10.92 5.65 -19.07
N PRO B 288 10.37 6.83 -18.76
CA PRO B 288 9.48 6.87 -17.60
C PRO B 288 8.19 6.10 -17.87
N ILE B 289 7.83 5.21 -16.97
CA ILE B 289 6.57 4.47 -17.02
C ILE B 289 5.58 5.13 -16.07
N ASP B 290 5.98 5.29 -14.83
CA ASP B 290 5.27 6.16 -13.93
C ASP B 290 6.28 6.74 -12.96
N GLU B 291 5.84 7.22 -11.80
CA GLU B 291 6.70 7.98 -10.89
C GLU B 291 7.80 7.08 -10.31
N ASN B 292 7.52 5.77 -10.27
CA ASN B 292 8.39 4.79 -9.61
C ASN B 292 9.04 3.77 -10.53
N THR B 293 8.84 3.87 -11.83
CA THR B 293 9.19 2.79 -12.77
C THR B 293 9.68 3.37 -14.07
N HIS B 294 10.65 2.70 -14.70
CA HIS B 294 11.11 3.02 -16.03
C HIS B 294 11.35 1.77 -16.86
N TYR B 295 11.27 1.94 -18.17
CA TYR B 295 11.91 0.94 -19.06
C TYR B 295 13.39 1.21 -19.14
N TYR B 296 14.20 0.18 -18.88
CA TYR B 296 15.62 0.22 -19.16
C TYR B 296 15.83 -0.41 -20.54
N PHE B 297 15.94 0.47 -21.52
CA PHE B 297 15.91 0.12 -22.92
C PHE B 297 17.34 0.22 -23.44
N GLN B 298 17.99 -0.92 -23.49
CA GLN B 298 19.40 -1.02 -23.72
C GLN B 298 19.67 -1.43 -25.15
N THR B 299 20.58 -0.74 -25.81
CA THR B 299 21.05 -1.14 -27.14
C THR B 299 22.54 -1.07 -27.34
N LEU B 300 23.04 -1.96 -28.20
CA LEU B 300 24.45 -1.95 -28.57
C LEU B 300 24.51 -1.81 -30.10
N GLY B 301 25.27 -0.85 -30.56
CA GLY B 301 25.43 -0.62 -31.98
C GLY B 301 26.80 -1.13 -32.43
N LYS B 302 26.85 -1.77 -33.59
CA LYS B 302 28.09 -2.10 -34.30
C LYS B 302 27.95 -1.86 -35.81
N PRO B 303 28.82 -1.03 -36.40
CA PRO B 303 28.87 -0.89 -37.88
C PRO B 303 29.06 -2.24 -38.60
N CYS B 304 28.10 -2.60 -39.44
CA CYS B 304 28.10 -3.87 -40.16
C CYS B 304 27.91 -3.53 -41.66
N ALA B 305 28.89 -3.89 -42.49
CA ALA B 305 28.88 -3.61 -43.95
C ALA B 305 27.88 -4.44 -44.74
N ASN B 306 27.46 -5.58 -44.20
CA ASN B 306 26.66 -6.50 -44.96
C ASN B 306 26.03 -7.51 -44.04
N ASP B 307 25.28 -8.43 -44.65
CA ASP B 307 24.56 -9.47 -43.96
C ASP B 307 25.43 -10.44 -43.14
N GLU B 308 26.64 -10.70 -43.62
CA GLU B 308 27.51 -11.68 -42.96
C GLU B 308 28.07 -11.03 -41.67
N GLU B 309 28.36 -9.75 -41.73
CA GLU B 309 28.73 -8.96 -40.56
C GLU B 309 27.61 -8.84 -39.51
N ARG B 310 26.37 -8.60 -39.96
CA ARG B 310 25.18 -8.55 -39.07
C ARG B 310 24.96 -9.86 -38.38
N LYS B 311 25.03 -10.91 -39.16
CA LYS B 311 24.88 -12.29 -38.67
C LYS B 311 25.98 -12.63 -37.65
N LYS B 312 27.21 -12.18 -37.94
CA LYS B 312 28.35 -12.42 -37.06
C LYS B 312 28.11 -11.63 -35.75
N TYR B 313 27.71 -10.36 -35.89
CA TYR B 313 27.34 -9.53 -34.76
C TYR B 313 26.22 -10.12 -33.90
N GLU B 314 25.14 -10.61 -34.52
CA GLU B 314 24.05 -11.23 -33.74
C GLU B 314 24.53 -12.43 -32.93
N GLN B 315 25.40 -13.28 -33.49
CA GLN B 315 25.94 -14.46 -32.73
C GLN B 315 26.77 -13.99 -31.56
N GLU B 316 27.63 -13.05 -31.81
CA GLU B 316 28.49 -12.50 -30.76
C GLU B 316 27.63 -11.79 -29.66
N PHE B 317 26.58 -11.09 -30.07
CA PHE B 317 25.61 -10.46 -29.13
C PHE B 317 24.99 -11.49 -28.20
N GLU B 318 24.47 -12.56 -28.82
CA GLU B 318 23.76 -13.58 -28.04
C GLU B 318 24.69 -14.39 -27.14
N SER B 319 25.90 -14.69 -27.63
CA SER B 319 26.78 -15.54 -26.87
C SER B 319 27.58 -14.76 -25.84
N LYS B 320 27.89 -13.50 -26.09
CA LYS B 320 28.78 -12.77 -25.19
C LYS B 320 28.28 -11.37 -24.74
N TRP B 321 28.03 -10.48 -25.65
CA TRP B 321 27.74 -9.09 -25.23
C TRP B 321 26.49 -8.94 -24.40
N LYS B 322 25.41 -9.62 -24.75
CA LYS B 322 24.21 -9.59 -23.95
C LYS B 322 24.41 -10.14 -22.53
N PRO B 323 24.90 -11.42 -22.40
CA PRO B 323 25.16 -11.91 -21.06
C PRO B 323 26.29 -11.22 -20.30
N MET B 324 27.37 -10.88 -20.96
CA MET B 324 28.47 -10.31 -20.21
C MET B 324 28.34 -8.77 -19.96
N ALA B 325 27.79 -8.02 -20.92
CA ALA B 325 27.83 -6.56 -20.85
C ALA B 325 26.46 -6.07 -20.42
N LEU B 326 25.46 -6.30 -21.24
CA LEU B 326 24.13 -5.85 -20.86
C LEU B 326 23.59 -6.43 -19.58
N GLU B 327 23.87 -7.70 -19.31
CA GLU B 327 23.43 -8.32 -18.05
C GLU B 327 24.47 -8.25 -16.99
N GLY B 328 25.58 -8.88 -17.22
CA GLY B 328 26.62 -8.90 -16.22
C GLY B 328 27.02 -7.50 -15.76
N PHE B 329 27.55 -6.68 -16.66
CA PHE B 329 28.06 -5.38 -16.28
C PHE B 329 26.93 -4.39 -15.78
N ASN B 330 25.88 -4.15 -16.57
CA ASN B 330 24.72 -3.28 -16.16
C ASN B 330 23.80 -3.77 -15.05
N ASN B 331 23.88 -5.03 -14.66
CA ASN B 331 23.11 -5.44 -13.49
C ASN B 331 23.44 -4.63 -12.25
N ASP B 332 24.71 -4.26 -12.00
CA ASP B 332 25.05 -3.41 -10.85
C ASP B 332 24.46 -1.98 -10.93
N ASP B 333 24.22 -1.48 -12.12
CA ASP B 333 23.53 -0.16 -12.34
C ASP B 333 22.09 -0.36 -11.94
N ILE B 334 21.55 -1.59 -12.05
CA ILE B 334 20.15 -1.77 -11.70
C ILE B 334 19.98 -1.65 -10.21
N TRP B 335 20.80 -2.35 -9.48
CA TRP B 335 20.64 -2.23 -8.05
C TRP B 335 21.11 -0.91 -7.41
N ALA B 336 22.08 -0.24 -8.02
CA ALA B 336 22.49 1.10 -7.66
C ALA B 336 21.34 2.16 -7.77
N ARG B 337 20.63 2.19 -8.88
CA ARG B 337 19.33 2.93 -9.01
C ARG B 337 18.33 2.69 -7.92
N GLU B 338 18.02 1.40 -7.73
CA GLU B 338 17.09 0.95 -6.70
C GLU B 338 17.48 1.40 -5.33
N ALA B 339 18.81 1.39 -5.04
CA ALA B 339 19.27 1.79 -3.72
C ALA B 339 19.05 3.30 -3.44
N MET B 340 18.86 4.13 -4.50
CA MET B 340 18.62 5.59 -4.32
C MET B 340 17.14 5.92 -4.11
N VAL B 341 16.26 4.95 -4.30
CA VAL B 341 14.82 5.19 -4.29
C VAL B 341 14.34 5.89 -2.98
N ASP B 342 14.75 5.36 -1.82
CA ASP B 342 14.18 5.81 -0.54
C ASP B 342 14.57 7.24 -0.31
N PHE B 343 15.80 7.59 -0.61
CA PHE B 343 16.27 8.92 -0.29
C PHE B 343 15.53 9.95 -1.12
N TYR B 344 15.18 9.63 -2.37
CA TYR B 344 14.49 10.58 -3.26
C TYR B 344 12.97 10.44 -3.31
N ALA B 345 12.43 9.40 -2.67
CA ALA B 345 11.01 9.06 -2.72
C ALA B 345 10.06 10.11 -2.19
N ASP B 346 10.40 10.74 -1.09
CA ASP B 346 9.60 11.86 -0.55
C ASP B 346 10.06 13.21 -1.13
N ASP B 347 10.83 13.22 -2.26
CA ASP B 347 11.45 14.44 -2.82
C ASP B 347 12.49 15.20 -1.98
N LYS B 348 12.77 14.71 -0.78
CA LYS B 348 13.71 15.40 0.08
C LYS B 348 15.16 15.18 -0.28
N GLY B 349 15.50 14.04 -0.91
CA GLY B 349 16.88 13.82 -1.32
C GLY B 349 17.46 14.87 -2.24
N TRP B 350 16.64 15.42 -3.13
CA TRP B 350 17.04 16.55 -4.02
C TRP B 350 17.55 17.74 -3.23
N VAL B 351 17.07 17.94 -2.02
CA VAL B 351 17.63 19.02 -1.15
C VAL B 351 18.75 18.53 -0.20
N ASN B 352 18.68 17.30 0.29
CA ASN B 352 19.59 16.82 1.33
C ASN B 352 20.89 16.18 0.83
N GLU B 353 20.96 15.85 -0.45
CA GLU B 353 22.15 15.18 -1.06
C GLU B 353 23.39 16.12 -0.85
N ILE B 354 24.56 15.56 -0.72
CA ILE B 354 25.80 16.40 -0.62
C ILE B 354 26.68 15.97 -1.78
N LEU B 355 26.76 16.84 -2.78
CA LEU B 355 27.46 16.57 -4.02
C LEU B 355 28.96 16.79 -3.92
N PHE B 356 29.76 16.07 -4.74
CA PHE B 356 31.20 16.37 -4.80
C PHE B 356 31.57 16.67 -6.24
N GLU B 357 32.89 16.75 -6.55
CA GLU B 357 33.34 17.42 -7.79
C GLU B 357 32.93 16.71 -9.06
N SER B 358 32.97 15.39 -9.04
CA SER B 358 32.57 14.65 -10.25
C SER B 358 31.06 14.74 -10.52
N ASP B 359 30.25 15.11 -9.53
CA ASP B 359 28.83 15.39 -9.82
C ASP B 359 28.52 16.60 -10.69
N GLU B 360 29.53 17.40 -11.04
CA GLU B 360 29.37 18.48 -12.03
C GLU B 360 28.69 18.00 -13.32
N ALA B 361 29.05 16.81 -13.79
CA ALA B 361 28.33 16.17 -14.87
C ALA B 361 26.80 16.06 -14.69
N ILE B 362 26.39 15.56 -13.53
CA ILE B 362 25.01 15.31 -13.19
C ILE B 362 24.28 16.67 -13.10
N VAL B 363 24.91 17.62 -12.42
CA VAL B 363 24.36 18.99 -12.34
C VAL B 363 24.23 19.63 -13.70
N ALA B 364 25.24 19.47 -14.59
CA ALA B 364 25.11 19.99 -15.92
C ALA B 364 23.91 19.32 -16.67
N TRP B 365 23.74 18.02 -16.48
CA TRP B 365 22.57 17.33 -17.01
C TRP B 365 21.25 17.86 -16.45
N ARG B 366 21.16 18.04 -15.13
CA ARG B 366 19.93 18.54 -14.51
C ARG B 366 19.52 19.91 -15.09
N LYS B 367 20.51 20.75 -15.37
CA LYS B 367 20.30 22.15 -15.84
C LYS B 367 19.98 22.11 -17.30
N LEU B 368 20.72 21.30 -18.06
CA LEU B 368 20.37 21.06 -19.46
C LEU B 368 18.92 20.60 -19.64
N ALA B 369 18.56 19.60 -18.86
CA ALA B 369 17.22 19.02 -18.98
C ALA B 369 16.17 20.10 -18.54
N SER B 370 16.49 20.85 -17.50
CA SER B 370 15.56 21.93 -17.02
C SER B 370 15.33 23.00 -18.11
N GLU B 371 16.39 23.30 -18.85
CA GLU B 371 16.44 24.27 -19.91
C GLU B 371 15.75 23.85 -21.18
N HIS B 372 16.04 22.64 -21.66
CA HIS B 372 15.70 22.24 -23.02
C HIS B 372 14.64 21.17 -23.21
N ASN B 373 14.06 20.68 -22.13
CA ASN B 373 12.84 19.85 -22.24
C ASN B 373 11.69 20.61 -22.93
N GLN B 374 10.80 19.84 -23.53
CA GLN B 374 9.70 20.36 -24.33
C GLN B 374 8.35 20.34 -23.57
N GLY B 375 8.40 20.12 -22.28
CA GLY B 375 7.25 20.31 -21.36
C GLY B 375 7.35 19.29 -20.23
N ILE B 376 6.78 19.62 -19.08
CA ILE B 376 6.74 18.67 -17.99
C ILE B 376 5.44 17.85 -18.01
N GLN B 377 5.56 16.51 -18.00
CA GLN B 377 4.35 15.64 -17.89
C GLN B 377 3.78 15.71 -16.49
N THR B 378 2.47 15.92 -16.38
CA THR B 378 1.80 16.02 -15.08
C THR B 378 0.64 15.05 -14.97
N GLN B 379 0.11 14.93 -13.77
CA GLN B 379 -1.08 14.10 -13.50
C GLN B 379 -2.29 14.56 -14.29
N ALA B 380 -2.37 15.86 -14.50
CA ALA B 380 -3.46 16.41 -15.26
C ALA B 380 -3.38 15.95 -16.70
N HIS B 381 -2.18 15.85 -17.29
CA HIS B 381 -2.09 15.21 -18.60
C HIS B 381 -2.47 13.71 -18.53
N VAL B 382 -2.07 13.03 -17.47
CA VAL B 382 -2.40 11.62 -17.29
C VAL B 382 -3.94 11.46 -17.26
N SER B 383 -4.63 12.41 -16.60
CA SER B 383 -6.13 12.55 -16.68
C SER B 383 -6.58 13.56 -17.79
N GLY B 384 -7.08 14.76 -17.42
CA GLY B 384 -7.48 15.79 -18.41
C GLY B 384 -8.55 16.74 -17.91
N ALA C 2 -18.77 15.17 2.38
CA ALA C 2 -18.03 14.61 3.55
C ALA C 2 -17.00 13.58 3.12
N ASN C 3 -17.32 12.74 2.12
CA ASN C 3 -16.37 11.69 1.67
C ASN C 3 -15.48 12.09 0.51
N VAL C 4 -15.99 12.99 -0.32
CA VAL C 4 -15.34 13.39 -1.55
C VAL C 4 -14.89 14.85 -1.48
N ASP C 5 -13.81 15.16 -2.20
CA ASP C 5 -13.30 16.50 -2.34
C ASP C 5 -14.39 17.44 -2.87
N GLU C 6 -14.51 18.61 -2.20
CA GLU C 6 -15.57 19.62 -2.47
C GLU C 6 -15.55 20.11 -3.91
N ALA C 7 -14.33 20.33 -4.40
CA ALA C 7 -14.11 20.72 -5.79
C ALA C 7 -14.96 19.83 -6.70
N ILE C 8 -14.86 18.51 -6.47
CA ILE C 8 -15.53 17.50 -7.30
C ILE C 8 -17.03 17.55 -7.11
N LEU C 9 -17.48 17.57 -5.86
CA LEU C 9 -18.90 17.60 -5.56
C LEU C 9 -19.58 18.82 -6.17
N LYS C 10 -18.90 19.96 -6.12
CA LYS C 10 -19.43 21.21 -6.68
C LYS C 10 -19.65 21.05 -8.18
N ARG C 11 -18.70 20.40 -8.82
CA ARG C 11 -18.77 20.18 -10.23
C ARG C 11 -19.67 19.03 -10.68
N VAL C 12 -20.55 18.48 -9.83
CA VAL C 12 -21.57 17.48 -10.29
C VAL C 12 -23.06 17.81 -10.01
N LYS C 13 -23.35 18.99 -9.44
CA LYS C 13 -24.71 19.56 -9.24
C LYS C 13 -25.91 18.56 -9.15
N GLY C 14 -26.35 17.99 -10.30
CA GLY C 14 -27.55 17.13 -10.41
C GLY C 14 -27.67 15.85 -9.54
N TRP C 15 -26.54 15.37 -9.03
CA TRP C 15 -26.50 14.16 -8.22
C TRP C 15 -25.28 14.12 -7.32
N ALA C 16 -24.92 15.26 -6.75
CA ALA C 16 -23.77 15.35 -5.87
C ALA C 16 -23.80 14.44 -4.59
N PRO C 17 -25.00 14.23 -4.00
CA PRO C 17 -25.04 13.36 -2.83
C PRO C 17 -24.77 11.85 -3.16
N TYR C 18 -25.15 11.44 -4.36
CA TYR C 18 -24.77 10.12 -4.88
C TYR C 18 -23.27 10.00 -5.06
N VAL C 19 -22.64 11.06 -5.57
CA VAL C 19 -21.16 11.10 -5.69
C VAL C 19 -20.46 11.01 -4.35
N ASP C 20 -21.14 11.49 -3.32
CA ASP C 20 -20.57 11.52 -1.98
C ASP C 20 -20.68 10.18 -1.25
N ALA C 21 -21.62 9.36 -1.70
CA ALA C 21 -22.05 8.16 -1.01
C ALA C 21 -21.15 6.98 -1.41
N LYS C 22 -19.87 7.20 -1.22
CA LYS C 22 -18.81 6.26 -1.46
C LYS C 22 -18.94 5.02 -0.57
N LEU C 23 -19.41 5.24 0.67
CA LEU C 23 -19.62 4.15 1.60
C LEU C 23 -21.02 3.62 1.60
N GLY C 24 -21.88 4.13 0.75
CA GLY C 24 -23.23 3.65 0.68
C GLY C 24 -24.17 4.53 1.47
N PHE C 25 -25.41 4.06 1.57
CA PHE C 25 -26.54 4.78 2.14
C PHE C 25 -26.93 4.19 3.48
N ARG C 26 -26.76 4.98 4.52
CA ARG C 26 -27.28 4.64 5.86
C ARG C 26 -28.84 4.70 5.95
N ASN C 27 -29.36 3.90 6.89
CA ASN C 27 -30.77 3.76 7.22
C ASN C 27 -31.56 3.00 6.18
N HIS C 28 -30.95 1.91 5.69
CA HIS C 28 -31.58 1.00 4.78
C HIS C 28 -31.21 -0.40 5.24
N TRP C 29 -31.99 -1.40 4.81
CA TRP C 29 -31.68 -2.79 5.03
C TRP C 29 -30.75 -3.31 3.91
N TYR C 30 -29.86 -4.23 4.23
CA TYR C 30 -28.94 -4.83 3.27
C TYR C 30 -28.80 -6.30 3.57
N PRO C 31 -28.86 -7.17 2.54
CA PRO C 31 -28.50 -8.56 2.75
C PRO C 31 -26.98 -8.80 2.84
N VAL C 32 -26.57 -9.68 3.75
CA VAL C 32 -25.16 -9.93 3.98
C VAL C 32 -24.72 -11.38 3.90
N MET C 33 -25.65 -12.29 4.09
CA MET C 33 -25.37 -13.71 4.01
C MET C 33 -26.69 -14.46 3.97
N PHE C 34 -26.58 -15.77 3.81
CA PHE C 34 -27.74 -16.66 3.84
C PHE C 34 -27.95 -17.18 5.25
N SER C 35 -29.19 -17.49 5.57
CA SER C 35 -29.59 -17.94 6.91
C SER C 35 -28.88 -19.23 7.29
N LYS C 36 -28.70 -20.09 6.32
CA LYS C 36 -28.06 -21.38 6.57
C LYS C 36 -26.56 -21.24 6.84
N GLU C 37 -25.99 -20.05 6.67
CA GLU C 37 -24.62 -19.83 6.91
C GLU C 37 -24.35 -19.35 8.33
N ILE C 38 -25.39 -19.15 9.14
CA ILE C 38 -25.13 -18.78 10.53
C ILE C 38 -25.90 -19.69 11.48
N ASN C 39 -25.12 -20.45 12.24
CA ASN C 39 -25.62 -21.43 13.20
C ASN C 39 -25.70 -20.89 14.63
N GLU C 40 -26.54 -21.59 15.38
CA GLU C 40 -26.85 -21.31 16.80
C GLU C 40 -25.57 -21.15 17.56
N GLY C 41 -25.41 -20.00 18.22
CA GLY C 41 -24.21 -19.68 18.99
C GLY C 41 -22.85 -19.64 18.27
N GLU C 42 -22.82 -19.47 16.95
CA GLU C 42 -21.55 -19.44 16.19
C GLU C 42 -21.48 -18.12 15.51
N PRO C 43 -21.05 -17.07 16.23
CA PRO C 43 -21.06 -15.73 15.65
C PRO C 43 -20.19 -15.60 14.38
N LYS C 44 -20.63 -14.79 13.42
CA LYS C 44 -19.91 -14.55 12.21
C LYS C 44 -19.55 -13.08 12.21
N THR C 45 -18.40 -12.75 11.64
CA THR C 45 -17.96 -11.37 11.50
C THR C 45 -18.09 -10.92 10.02
N LEU C 46 -18.37 -9.65 9.81
CA LEU C 46 -18.46 -9.09 8.49
C LEU C 46 -18.34 -7.59 8.56
N LYS C 47 -18.08 -6.99 7.39
CA LYS C 47 -18.00 -5.56 7.26
C LYS C 47 -19.10 -5.04 6.34
N LEU C 48 -19.73 -3.95 6.75
CA LEU C 48 -20.89 -3.41 6.07
C LEU C 48 -20.91 -1.90 6.27
N LEU C 49 -20.95 -1.22 5.14
CA LEU C 49 -20.90 0.21 5.11
C LEU C 49 -19.67 0.70 5.84
N GLY C 50 -18.59 -0.10 5.80
CA GLY C 50 -17.34 0.25 6.46
C GLY C 50 -17.23 -0.10 7.91
N GLU C 51 -18.31 -0.53 8.54
CA GLU C 51 -18.35 -0.91 9.94
C GLU C 51 -18.22 -2.43 10.06
N ASN C 52 -17.36 -2.87 10.96
CA ASN C 52 -17.29 -4.26 11.29
C ASN C 52 -18.42 -4.65 12.27
N LEU C 53 -19.03 -5.79 12.00
CA LEU C 53 -20.27 -6.24 12.69
C LEU C 53 -20.09 -7.68 13.06
N LEU C 54 -20.67 -8.04 14.21
CA LEU C 54 -20.81 -9.44 14.63
C LEU C 54 -22.30 -9.79 14.64
N VAL C 55 -22.62 -10.95 14.07
CA VAL C 55 -23.97 -11.46 13.99
C VAL C 55 -23.98 -12.81 14.68
N ASN C 56 -24.89 -13.02 15.63
CA ASN C 56 -25.02 -14.33 16.28
C ASN C 56 -26.46 -14.83 16.23
N ARG C 57 -26.66 -16.15 16.33
CA ARG C 57 -27.98 -16.73 16.37
C ARG C 57 -28.16 -17.29 17.76
N ILE C 58 -29.18 -16.77 18.43
CA ILE C 58 -29.46 -17.14 19.80
C ILE C 58 -30.96 -17.47 19.93
N ASP C 59 -31.24 -18.73 20.30
CA ASP C 59 -32.59 -19.26 20.39
C ASP C 59 -33.32 -19.09 19.03
N GLY C 60 -32.58 -19.30 17.94
CA GLY C 60 -33.10 -19.15 16.58
C GLY C 60 -33.10 -17.73 16.08
N LYS C 61 -32.98 -16.74 16.95
CA LYS C 61 -33.10 -15.37 16.51
C LYS C 61 -31.70 -14.78 16.27
N LEU C 62 -31.63 -13.83 15.34
CA LEU C 62 -30.37 -13.15 14.95
C LEU C 62 -30.25 -11.84 15.66
N TYR C 63 -29.04 -11.58 16.12
CA TYR C 63 -28.73 -10.30 16.76
C TYR C 63 -27.44 -9.75 16.12
N CYS C 64 -27.32 -8.44 16.09
CA CYS C 64 -26.14 -7.81 15.58
C CYS C 64 -25.55 -6.73 16.51
N LEU C 65 -24.31 -6.98 16.93
CA LEU C 65 -23.50 -5.98 17.65
C LEU C 65 -22.37 -5.45 16.78
N LYS C 66 -22.01 -4.17 16.99
CA LYS C 66 -20.78 -3.68 16.37
C LYS C 66 -19.57 -4.43 16.93
N ASP C 67 -18.70 -4.93 16.02
CA ASP C 67 -17.48 -5.67 16.35
C ASP C 67 -16.34 -4.71 16.69
N ARG C 68 -16.60 -3.85 17.67
CA ARG C 68 -15.60 -2.89 18.18
C ARG C 68 -15.91 -2.55 19.65
N CYS C 69 -15.05 -3.04 20.57
CA CYS C 69 -15.25 -2.89 22.01
C CYS C 69 -15.19 -1.41 22.33
N LEU C 70 -16.02 -0.97 23.28
CA LEU C 70 -16.05 0.46 23.67
C LEU C 70 -14.80 0.88 24.36
N HIS C 71 -14.07 -0.07 24.91
CA HIS C 71 -12.97 0.27 25.81
C HIS C 71 -11.69 0.69 25.04
N ARG C 72 -10.98 -0.29 24.45
CA ARG C 72 -9.77 -0.01 23.57
C ARG C 72 -9.97 -0.35 22.07
N GLY C 73 -11.22 -0.55 21.63
CA GLY C 73 -11.51 -0.59 20.18
C GLY C 73 -11.07 -1.84 19.44
N VAL C 74 -10.84 -2.94 20.17
CA VAL C 74 -10.50 -4.18 19.54
C VAL C 74 -11.75 -4.79 18.95
N GLN C 75 -11.60 -5.61 17.93
CA GLN C 75 -12.68 -6.50 17.52
C GLN C 75 -12.86 -7.61 18.56
N LEU C 76 -14.10 -7.84 18.98
CA LEU C 76 -14.42 -8.93 19.89
C LEU C 76 -14.17 -10.24 19.21
N SER C 77 -14.32 -10.24 17.87
CA SER C 77 -14.20 -11.49 17.08
C SER C 77 -12.81 -12.04 17.00
N VAL C 78 -11.81 -11.30 17.49
CA VAL C 78 -10.46 -11.79 17.54
C VAL C 78 -10.47 -13.03 18.39
N LYS C 79 -11.27 -13.04 19.44
CA LYS C 79 -11.41 -14.22 20.28
C LYS C 79 -12.78 -14.17 20.95
N VAL C 80 -13.71 -14.87 20.38
CA VAL C 80 -15.11 -14.74 20.79
C VAL C 80 -15.31 -15.46 22.12
N GLU C 81 -15.78 -14.76 23.14
CA GLU C 81 -16.08 -15.38 24.46
C GLU C 81 -17.56 -15.16 24.81
N CYS C 82 -18.36 -16.21 24.60
CA CYS C 82 -19.79 -16.09 24.80
C CYS C 82 -20.05 -16.90 26.04
N LYS C 83 -20.15 -16.27 27.20
CA LYS C 83 -20.12 -17.01 28.46
C LYS C 83 -21.50 -17.33 29.01
N THR C 84 -22.47 -16.52 28.65
CA THR C 84 -23.88 -16.84 28.77
C THR C 84 -24.51 -16.69 27.39
N LYS C 85 -25.68 -17.29 27.28
CA LYS C 85 -26.38 -17.40 26.04
C LYS C 85 -26.71 -15.99 25.54
N SER C 86 -27.06 -15.06 26.45
CA SER C 86 -27.50 -13.74 26.02
C SER C 86 -26.44 -12.60 25.99
N THR C 87 -25.16 -12.91 26.24
CA THR C 87 -24.13 -11.87 26.29
C THR C 87 -22.91 -12.30 25.51
N ILE C 88 -22.07 -11.32 25.24
CA ILE C 88 -20.70 -11.60 24.77
C ILE C 88 -19.70 -10.80 25.65
N THR C 89 -18.60 -11.46 25.98
CA THR C 89 -17.55 -10.90 26.81
C THR C 89 -16.31 -10.58 25.98
N CYS C 90 -15.97 -9.29 25.88
CA CYS C 90 -14.66 -8.91 25.29
C CYS C 90 -13.52 -9.75 25.86
N TRP C 91 -12.67 -10.29 24.97
CA TRP C 91 -11.53 -11.16 25.35
C TRP C 91 -10.40 -10.45 26.13
N TYR C 92 -10.44 -9.11 26.17
CA TYR C 92 -9.23 -8.32 26.52
C TYR C 92 -9.29 -7.94 28.01
N HIS C 93 -10.30 -7.18 28.40
CA HIS C 93 -10.54 -6.80 29.82
C HIS C 93 -11.97 -7.24 30.26
N ALA C 94 -12.57 -8.14 29.50
CA ALA C 94 -13.82 -8.75 29.83
C ALA C 94 -15.01 -7.84 30.04
N TRP C 95 -15.09 -6.71 29.31
CA TRP C 95 -16.33 -5.91 29.25
C TRP C 95 -17.37 -6.79 28.52
N THR C 96 -18.57 -6.89 29.13
CA THR C 96 -19.56 -7.88 28.79
C THR C 96 -20.81 -7.13 28.33
N TYR C 97 -21.26 -7.43 27.10
CA TYR C 97 -22.38 -6.74 26.53
C TYR C 97 -23.57 -7.69 26.29
N ARG C 98 -24.78 -7.15 26.41
CA ARG C 98 -26.01 -7.85 25.98
C ARG C 98 -26.26 -7.72 24.48
N TRP C 99 -26.36 -8.87 23.83
CA TRP C 99 -26.65 -8.98 22.44
C TRP C 99 -27.94 -8.25 22.11
N GLU C 100 -28.95 -8.27 23.00
CA GLU C 100 -30.28 -7.73 22.69
C GLU C 100 -30.33 -6.26 22.59
N ASP C 101 -29.63 -5.58 23.49
CA ASP C 101 -29.65 -4.09 23.48
C ASP C 101 -28.25 -3.46 23.54
N GLY C 102 -27.19 -4.30 23.57
CA GLY C 102 -25.83 -3.78 23.55
C GLY C 102 -25.34 -3.22 24.89
N VAL C 103 -26.15 -3.33 25.96
CA VAL C 103 -25.80 -2.70 27.23
C VAL C 103 -24.62 -3.41 27.86
N LEU C 104 -23.65 -2.59 28.32
CA LEU C 104 -22.53 -3.09 29.13
C LEU C 104 -23.09 -3.44 30.54
N CYS C 105 -23.19 -4.73 30.80
CA CYS C 105 -23.97 -5.21 31.91
C CYS C 105 -23.08 -5.84 32.99
N ASP C 106 -21.85 -6.21 32.65
CA ASP C 106 -20.80 -6.54 33.60
C ASP C 106 -19.40 -6.34 33.03
N ILE C 107 -18.44 -6.42 33.95
CA ILE C 107 -17.02 -6.37 33.61
C ILE C 107 -16.34 -7.34 34.55
N LEU C 108 -15.94 -8.50 34.06
CA LEU C 108 -15.40 -9.53 34.92
C LEU C 108 -14.14 -9.09 35.66
N THR C 109 -13.37 -8.19 35.08
CA THR C 109 -12.11 -7.78 35.69
C THR C 109 -12.33 -6.70 36.73
N ASN C 110 -13.50 -6.10 36.73
CA ASN C 110 -13.84 -5.16 37.77
C ASN C 110 -15.38 -5.06 37.94
N PRO C 111 -15.98 -5.93 38.81
CA PRO C 111 -17.46 -5.91 39.04
C PRO C 111 -17.98 -4.64 39.67
N THR C 112 -17.09 -3.80 40.19
CA THR C 112 -17.48 -2.59 40.83
C THR C 112 -17.47 -1.41 39.91
N SER C 113 -17.07 -1.60 38.66
CA SER C 113 -16.82 -0.45 37.80
C SER C 113 -18.06 0.40 37.64
N ALA C 114 -17.90 1.72 37.65
CA ALA C 114 -19.00 2.63 37.41
C ALA C 114 -19.41 2.69 35.94
N GLN C 115 -18.69 2.00 35.06
CA GLN C 115 -19.11 1.95 33.69
C GLN C 115 -20.32 1.07 33.57
N ILE C 116 -20.38 0.01 34.38
CA ILE C 116 -21.37 -1.05 34.23
C ILE C 116 -22.76 -0.41 34.28
N GLY C 117 -23.56 -0.63 33.25
CA GLY C 117 -24.91 -0.15 33.18
C GLY C 117 -25.01 1.23 32.66
N ARG C 118 -23.88 1.87 32.36
CA ARG C 118 -23.89 3.22 31.88
C ARG C 118 -23.28 3.33 30.49
N GLN C 119 -22.97 2.19 29.85
CA GLN C 119 -22.57 2.22 28.43
C GLN C 119 -23.37 1.20 27.60
N LYS C 120 -23.32 1.43 26.29
CA LYS C 120 -24.14 0.73 25.32
C LYS C 120 -23.32 0.61 24.01
N LEU C 121 -23.03 -0.62 23.59
CA LEU C 121 -22.35 -0.88 22.32
C LEU C 121 -23.42 -0.80 21.27
N LYS C 122 -23.15 -0.16 20.12
CA LYS C 122 -24.09 -0.04 19.06
C LYS C 122 -24.57 -1.42 18.62
N THR C 123 -25.89 -1.56 18.44
CA THR C 123 -26.48 -2.77 17.82
C THR C 123 -27.22 -2.38 16.57
N TYR C 124 -27.53 -3.39 15.75
CA TYR C 124 -28.33 -3.16 14.51
C TYR C 124 -29.42 -4.18 14.37
N PRO C 125 -30.62 -3.73 13.93
CA PRO C 125 -31.67 -4.72 13.66
C PRO C 125 -31.23 -5.69 12.56
N VAL C 126 -31.66 -6.94 12.68
CA VAL C 126 -31.43 -8.00 11.73
C VAL C 126 -32.73 -8.75 11.48
N GLN C 127 -32.98 -9.15 10.24
CA GLN C 127 -34.17 -9.93 9.93
C GLN C 127 -33.89 -10.89 8.83
N GLU C 128 -34.44 -12.09 8.93
CA GLU C 128 -34.31 -13.10 7.94
C GLU C 128 -35.58 -13.14 7.12
N ALA C 129 -35.45 -13.40 5.82
CA ALA C 129 -36.57 -13.40 4.88
C ALA C 129 -36.05 -14.12 3.64
N LYS C 130 -36.75 -15.17 3.25
CA LYS C 130 -36.42 -15.93 2.04
C LYS C 130 -35.07 -16.54 2.15
N GLY C 131 -34.69 -16.95 3.34
CA GLY C 131 -33.40 -17.61 3.53
C GLY C 131 -32.19 -16.63 3.50
N CYS C 132 -32.45 -15.32 3.57
CA CYS C 132 -31.44 -14.25 3.46
C CYS C 132 -31.39 -13.41 4.75
N VAL C 133 -30.19 -13.08 5.19
CA VAL C 133 -30.01 -12.26 6.37
C VAL C 133 -29.87 -10.80 5.97
N PHE C 134 -30.80 -9.96 6.42
CA PHE C 134 -30.73 -8.51 6.26
C PHE C 134 -30.42 -7.78 7.55
N ILE C 135 -29.53 -6.80 7.45
CA ILE C 135 -29.15 -5.98 8.59
C ILE C 135 -29.60 -4.60 8.21
N TYR C 136 -30.27 -3.94 9.13
CA TYR C 136 -30.69 -2.57 8.94
C TYR C 136 -29.54 -1.72 9.42
N LEU C 137 -28.75 -1.19 8.50
CA LEU C 137 -27.56 -0.46 8.91
C LEU C 137 -27.92 1.00 9.04
N GLY C 138 -28.51 1.30 10.19
CA GLY C 138 -29.14 2.62 10.44
C GLY C 138 -29.43 2.79 11.93
N ASP C 139 -29.97 3.94 12.28
CA ASP C 139 -30.26 4.30 13.67
C ASP C 139 -31.74 4.37 13.90
N GLY C 140 -32.19 3.91 15.06
CA GLY C 140 -33.60 3.98 15.42
C GLY C 140 -34.34 2.78 14.91
N ASP C 141 -35.67 2.84 15.02
CA ASP C 141 -36.52 1.70 14.72
C ASP C 141 -36.59 1.56 13.20
N PRO C 142 -36.47 0.35 12.69
CA PRO C 142 -36.39 0.26 11.24
C PRO C 142 -37.74 0.26 10.56
N PRO C 143 -37.77 0.65 9.27
CA PRO C 143 -38.95 0.48 8.47
C PRO C 143 -39.10 -0.98 8.13
N PRO C 144 -40.24 -1.36 7.55
CA PRO C 144 -40.33 -2.74 7.14
C PRO C 144 -39.33 -3.10 6.01
N LEU C 145 -38.97 -4.37 5.96
CA LEU C 145 -37.97 -4.87 5.03
C LEU C 145 -38.41 -4.55 3.60
N ALA C 146 -39.72 -4.68 3.37
CA ALA C 146 -40.29 -4.60 2.03
C ALA C 146 -39.98 -3.29 1.33
N ARG C 147 -39.80 -2.21 2.11
CA ARG C 147 -39.43 -0.96 1.53
C ARG C 147 -38.08 -0.98 0.73
N ASP C 148 -37.12 -1.78 1.19
CA ASP C 148 -35.80 -1.85 0.60
C ASP C 148 -35.60 -3.16 -0.18
N THR C 149 -36.70 -3.82 -0.53
CA THR C 149 -36.67 -4.93 -1.48
C THR C 149 -37.46 -4.56 -2.76
N PRO C 150 -37.14 -5.21 -3.90
CA PRO C 150 -37.97 -4.94 -5.06
C PRO C 150 -39.32 -5.68 -4.99
N PRO C 151 -40.30 -5.23 -5.82
CA PRO C 151 -41.60 -5.87 -5.91
C PRO C 151 -41.38 -7.33 -6.12
N ASN C 152 -42.10 -8.16 -5.38
CA ASN C 152 -42.28 -9.62 -5.60
C ASN C 152 -41.25 -10.47 -4.87
N PHE C 153 -40.16 -9.85 -4.40
CA PHE C 153 -39.12 -10.58 -3.73
C PHE C 153 -39.72 -11.28 -2.51
N LEU C 154 -40.55 -10.55 -1.78
CA LEU C 154 -41.22 -11.10 -0.60
C LEU C 154 -42.56 -11.85 -0.82
N ASP C 155 -42.95 -12.19 -2.06
CA ASP C 155 -44.26 -12.83 -2.31
C ASP C 155 -44.25 -14.15 -1.60
N ASP C 156 -45.38 -14.49 -0.99
CA ASP C 156 -45.52 -15.74 -0.24
C ASP C 156 -44.99 -16.89 -1.07
N ASP C 157 -45.31 -16.94 -2.37
CA ASP C 157 -44.94 -18.14 -3.20
C ASP C 157 -43.53 -18.12 -3.87
N MET C 158 -42.81 -17.01 -3.76
CA MET C 158 -41.51 -16.85 -4.41
C MET C 158 -40.44 -17.63 -3.65
N GLU C 159 -39.90 -18.68 -4.26
CA GLU C 159 -38.76 -19.38 -3.71
C GLU C 159 -37.44 -18.72 -4.19
N ILE C 160 -36.64 -18.28 -3.22
CA ILE C 160 -35.38 -17.58 -3.44
C ILE C 160 -34.19 -18.56 -3.21
N LEU C 161 -33.30 -18.64 -4.17
CA LEU C 161 -32.01 -19.27 -3.99
C LEU C 161 -30.93 -18.31 -4.49
N GLY C 162 -29.71 -18.44 -4.02
CA GLY C 162 -28.66 -17.65 -4.61
C GLY C 162 -27.26 -17.98 -4.25
N LYS C 163 -26.45 -16.93 -4.31
CA LYS C 163 -25.02 -16.98 -4.20
C LYS C 163 -24.50 -15.58 -3.78
N ASN C 164 -23.45 -15.54 -2.97
CA ASN C 164 -22.83 -14.31 -2.48
C ASN C 164 -21.34 -14.34 -2.60
N GLN C 165 -20.73 -13.24 -2.97
CA GLN C 165 -19.29 -13.17 -2.99
C GLN C 165 -18.83 -11.73 -2.86
N ILE C 166 -17.55 -11.59 -2.54
CA ILE C 166 -16.94 -10.29 -2.33
C ILE C 166 -16.24 -9.88 -3.61
N ILE C 167 -16.57 -8.68 -4.09
CA ILE C 167 -16.07 -8.14 -5.35
C ILE C 167 -15.33 -6.81 -5.09
N LYS C 168 -14.14 -6.68 -5.66
CA LYS C 168 -13.30 -5.50 -5.44
C LYS C 168 -13.65 -4.37 -6.42
N SER C 169 -14.81 -3.77 -6.21
CA SER C 169 -15.11 -2.44 -6.76
C SER C 169 -16.05 -1.73 -5.83
N ASN C 170 -16.09 -0.44 -5.97
CA ASN C 170 -17.09 0.33 -5.25
C ASN C 170 -18.46 -0.13 -5.68
N TRP C 171 -19.38 -0.12 -4.74
CA TRP C 171 -20.76 -0.59 -5.01
C TRP C 171 -21.50 0.10 -6.15
N ARG C 172 -21.27 1.39 -6.35
CA ARG C 172 -21.96 2.16 -7.38
C ARG C 172 -21.55 1.76 -8.79
N LEU C 173 -20.33 1.33 -8.98
CA LEU C 173 -19.88 0.85 -10.28
C LEU C 173 -20.65 -0.44 -10.62
N ALA C 174 -20.95 -1.23 -9.60
CA ALA C 174 -21.78 -2.46 -9.75
C ALA C 174 -23.22 -2.14 -10.11
N VAL C 175 -23.81 -1.18 -9.38
CA VAL C 175 -25.20 -0.74 -9.66
C VAL C 175 -25.37 -0.23 -11.08
N GLU C 176 -24.45 0.62 -11.48
CA GLU C 176 -24.55 1.25 -12.78
C GLU C 176 -24.32 0.23 -13.92
N ASN C 177 -23.32 -0.65 -13.77
CA ASN C 177 -23.18 -1.77 -14.70
C ASN C 177 -24.53 -2.51 -14.79
N GLY C 178 -25.07 -2.91 -13.66
CA GLY C 178 -26.34 -3.66 -13.65
C GLY C 178 -27.51 -2.99 -14.40
N PHE C 179 -27.73 -1.71 -14.14
CA PHE C 179 -28.83 -0.97 -14.70
C PHE C 179 -28.52 -0.36 -16.09
N ASP C 180 -27.33 -0.48 -16.61
CA ASP C 180 -26.94 0.16 -17.89
C ASP C 180 -27.51 -0.62 -19.05
N PRO C 181 -28.40 0.00 -19.88
CA PRO C 181 -29.00 -0.74 -20.99
C PRO C 181 -28.06 -1.13 -22.13
N SER C 182 -27.02 -0.35 -22.41
CA SER C 182 -26.09 -0.74 -23.46
C SER C 182 -25.06 -1.78 -23.03
N HIS C 183 -24.90 -2.03 -21.73
CA HIS C 183 -23.85 -2.94 -21.27
C HIS C 183 -24.08 -4.36 -21.79
N ILE C 184 -25.29 -4.68 -22.22
CA ILE C 184 -25.61 -6.07 -22.65
C ILE C 184 -24.69 -6.53 -23.80
N TYR C 185 -24.08 -5.59 -24.51
CA TYR C 185 -22.97 -5.85 -25.43
C TYR C 185 -21.91 -6.80 -24.85
N ILE C 186 -21.60 -6.67 -23.57
CA ILE C 186 -20.57 -7.56 -22.97
C ILE C 186 -21.01 -9.06 -22.88
N HIS C 187 -22.31 -9.29 -22.89
CA HIS C 187 -22.90 -10.60 -22.72
C HIS C 187 -23.15 -11.37 -24.01
N LYS C 188 -22.83 -10.76 -25.15
CA LYS C 188 -23.13 -11.31 -26.44
C LYS C 188 -22.55 -12.72 -26.69
N ASP C 189 -21.41 -13.04 -26.07
CA ASP C 189 -20.83 -14.40 -26.13
C ASP C 189 -21.16 -15.31 -24.95
N SER C 190 -22.14 -14.96 -24.13
CA SER C 190 -22.34 -15.71 -22.90
C SER C 190 -22.87 -17.12 -23.25
N ILE C 191 -22.35 -18.10 -22.54
CA ILE C 191 -22.90 -19.47 -22.65
C ILE C 191 -24.39 -19.57 -22.28
N LEU C 192 -24.89 -18.70 -21.40
CA LEU C 192 -26.29 -18.64 -21.13
C LEU C 192 -27.10 -18.30 -22.42
N VAL C 193 -26.59 -17.35 -23.20
CA VAL C 193 -27.25 -16.85 -24.38
C VAL C 193 -27.27 -17.97 -25.44
N LYS C 194 -26.17 -18.68 -25.61
CA LYS C 194 -26.06 -19.80 -26.59
C LYS C 194 -26.96 -20.97 -26.14
N ASP C 195 -26.66 -21.50 -24.95
CA ASP C 195 -27.28 -22.72 -24.43
C ASP C 195 -28.72 -22.55 -23.99
N ASN C 196 -29.15 -21.35 -23.59
CA ASN C 196 -30.56 -21.16 -23.22
C ASN C 196 -31.35 -20.42 -24.30
N ASP C 197 -30.80 -20.37 -25.51
CA ASP C 197 -31.55 -19.86 -26.67
C ASP C 197 -32.17 -18.47 -26.46
N LEU C 198 -31.41 -17.56 -25.79
CA LEU C 198 -31.91 -16.19 -25.58
C LEU C 198 -31.88 -15.30 -26.80
N ALA C 199 -32.92 -14.48 -26.91
CA ALA C 199 -32.91 -13.36 -27.78
C ALA C 199 -32.11 -12.29 -27.05
N LEU C 200 -31.05 -11.82 -27.66
CA LEU C 200 -30.26 -10.72 -27.04
C LEU C 200 -29.72 -9.74 -28.10
N PRO C 201 -30.27 -8.50 -28.14
CA PRO C 201 -29.71 -7.43 -28.94
C PRO C 201 -28.27 -7.05 -28.48
N LEU C 202 -27.56 -6.35 -29.36
CA LEU C 202 -26.27 -5.75 -29.02
C LEU C 202 -26.51 -4.52 -28.18
N GLY C 203 -27.68 -3.89 -28.36
CA GLY C 203 -28.11 -2.75 -27.59
C GLY C 203 -29.41 -2.19 -28.18
N PHE C 204 -29.68 -0.91 -27.93
CA PHE C 204 -30.89 -0.24 -28.40
C PHE C 204 -30.71 1.18 -28.88
N ALA C 205 -31.19 1.48 -30.10
CA ALA C 205 -31.38 2.86 -30.55
C ALA C 205 -32.59 3.45 -29.81
N PRO C 206 -32.40 4.55 -29.04
CA PRO C 206 -33.54 5.08 -28.27
C PRO C 206 -34.51 5.89 -29.09
N GLY C 207 -35.80 5.71 -28.83
CA GLY C 207 -36.86 6.61 -29.36
C GLY C 207 -37.48 7.47 -28.28
N GLY C 208 -37.95 8.66 -28.66
CA GLY C 208 -38.59 9.60 -27.72
C GLY C 208 -37.57 10.43 -26.96
N ASP C 209 -38.05 11.41 -26.23
CA ASP C 209 -37.15 12.32 -25.49
C ASP C 209 -36.83 11.71 -24.11
N ARG C 210 -36.09 12.45 -23.31
CA ARG C 210 -35.36 11.89 -22.16
C ARG C 210 -36.26 11.18 -21.13
N LYS C 211 -37.40 11.82 -20.83
CA LYS C 211 -38.36 11.40 -19.77
C LYS C 211 -39.09 10.07 -20.10
N GLN C 212 -39.29 9.79 -21.38
CA GLN C 212 -39.83 8.49 -21.86
C GLN C 212 -38.86 7.26 -21.72
N GLN C 213 -37.57 7.48 -21.48
CA GLN C 213 -36.57 6.37 -21.39
C GLN C 213 -36.72 5.60 -20.08
N THR C 214 -37.27 6.23 -19.06
CA THR C 214 -37.48 5.62 -17.76
C THR C 214 -38.79 6.02 -17.10
N ARG C 215 -39.11 5.33 -16.02
CA ARG C 215 -40.26 5.61 -15.20
C ARG C 215 -39.84 5.51 -13.76
N VAL C 216 -39.93 6.63 -13.04
CA VAL C 216 -39.60 6.69 -11.63
C VAL C 216 -40.79 6.20 -10.82
N VAL C 217 -40.53 5.36 -9.84
CA VAL C 217 -41.50 4.85 -8.92
C VAL C 217 -41.06 5.43 -7.56
N ASP C 218 -41.51 6.64 -7.22
CA ASP C 218 -41.23 7.23 -5.89
C ASP C 218 -42.43 7.17 -4.94
N ASP C 219 -43.57 6.75 -5.47
CA ASP C 219 -44.75 6.40 -4.69
C ASP C 219 -44.51 5.00 -4.11
N ASP C 220 -45.30 4.01 -4.55
CA ASP C 220 -45.32 2.67 -4.01
C ASP C 220 -45.88 2.64 -2.58
N VAL C 221 -46.94 1.85 -2.40
CA VAL C 221 -47.51 1.42 -1.10
C VAL C 221 -46.52 1.41 0.07
N VAL C 222 -45.53 0.51 0.02
CA VAL C 222 -44.55 0.32 1.12
C VAL C 222 -43.43 1.36 1.15
N GLY C 223 -43.42 2.33 0.24
CA GLY C 223 -42.37 3.31 0.16
C GLY C 223 -41.10 2.95 -0.65
N ARG C 224 -41.10 1.85 -1.40
CA ARG C 224 -40.02 1.57 -2.38
C ARG C 224 -39.77 2.79 -3.26
N LYS C 225 -38.48 3.03 -3.57
CA LYS C 225 -38.01 4.04 -4.50
C LYS C 225 -37.17 3.32 -5.59
N GLY C 226 -37.58 3.47 -6.84
CA GLY C 226 -37.02 2.74 -7.95
C GLY C 226 -37.07 3.45 -9.29
N VAL C 227 -36.32 2.91 -10.26
CA VAL C 227 -36.39 3.38 -11.63
C VAL C 227 -36.51 2.15 -12.52
N TYR C 228 -37.46 2.21 -13.45
CA TYR C 228 -37.68 1.21 -14.49
C TYR C 228 -37.05 1.73 -15.77
N ASP C 229 -36.26 0.87 -16.43
CA ASP C 229 -35.62 1.26 -17.67
C ASP C 229 -36.57 0.97 -18.80
N LEU C 230 -36.95 1.99 -19.57
CA LEU C 230 -37.90 1.74 -20.70
C LEU C 230 -37.26 1.86 -22.08
N ILE C 231 -35.93 1.91 -22.14
CA ILE C 231 -35.27 2.18 -23.41
C ILE C 231 -35.73 1.21 -24.44
N GLY C 232 -35.78 -0.07 -24.06
CA GLY C 232 -35.89 -1.19 -25.00
C GLY C 232 -37.28 -1.78 -25.02
N GLU C 233 -38.17 -1.06 -24.34
CA GLU C 233 -39.60 -1.09 -24.58
C GLU C 233 -39.90 -0.14 -25.75
N HIS C 234 -39.32 1.05 -25.73
CA HIS C 234 -39.64 2.09 -26.75
C HIS C 234 -38.61 2.25 -27.90
N GLY C 235 -37.48 1.57 -27.79
CA GLY C 235 -36.37 1.75 -28.72
C GLY C 235 -36.25 0.65 -29.74
N VAL C 236 -35.35 0.84 -30.69
CA VAL C 236 -35.15 -0.15 -31.76
C VAL C 236 -33.98 -1.03 -31.38
N PRO C 237 -34.21 -2.35 -31.19
CA PRO C 237 -33.06 -3.21 -30.89
C PRO C 237 -32.04 -3.27 -32.01
N VAL C 238 -30.77 -3.30 -31.63
CA VAL C 238 -29.68 -3.44 -32.58
C VAL C 238 -29.31 -4.92 -32.63
N PHE C 239 -29.54 -5.57 -33.77
CA PHE C 239 -29.10 -6.97 -33.98
C PHE C 239 -27.95 -7.09 -34.97
N GLU C 240 -27.67 -6.01 -35.72
CA GLU C 240 -26.57 -6.01 -36.69
C GLU C 240 -25.78 -4.77 -36.42
N GLY C 241 -24.64 -4.95 -35.78
CA GLY C 241 -23.74 -3.87 -35.48
C GLY C 241 -22.87 -3.64 -36.67
N THR C 242 -22.72 -2.37 -37.04
CA THR C 242 -22.02 -2.02 -38.24
C THR C 242 -20.87 -1.07 -37.95
N ILE C 243 -19.84 -1.12 -38.80
CA ILE C 243 -18.74 -0.16 -38.78
C ILE C 243 -18.55 0.28 -40.20
N GLY C 244 -18.68 1.59 -40.42
CA GLY C 244 -18.71 2.12 -41.77
C GLY C 244 -19.69 1.38 -42.70
N GLY C 245 -20.88 1.10 -42.19
CA GLY C 245 -21.90 0.44 -42.98
C GLY C 245 -21.72 -1.05 -43.19
N GLU C 246 -20.63 -1.69 -42.76
CA GLU C 246 -20.54 -3.14 -42.94
C GLU C 246 -20.83 -3.84 -41.63
N VAL C 247 -21.61 -4.92 -41.71
CA VAL C 247 -22.04 -5.67 -40.58
C VAL C 247 -20.82 -6.41 -40.07
N VAL C 248 -20.45 -6.15 -38.82
CA VAL C 248 -19.30 -6.79 -38.19
C VAL C 248 -19.69 -7.73 -37.08
N ARG C 249 -20.92 -7.67 -36.59
CA ARG C 249 -21.31 -8.53 -35.46
C ARG C 249 -22.81 -8.54 -35.39
N GLU C 250 -23.39 -9.67 -35.10
CA GLU C 250 -24.83 -9.76 -34.89
C GLU C 250 -25.17 -10.10 -33.48
N GLY C 251 -26.35 -9.69 -33.05
CA GLY C 251 -26.90 -10.11 -31.75
C GLY C 251 -27.30 -11.58 -31.81
N ALA C 252 -27.81 -12.14 -30.71
CA ALA C 252 -28.29 -13.50 -30.62
C ALA C 252 -29.78 -13.60 -31.00
N TYR C 253 -30.05 -14.39 -32.02
CA TYR C 253 -31.48 -14.51 -32.49
C TYR C 253 -32.20 -15.72 -31.84
N GLY C 254 -32.28 -15.76 -30.51
CA GLY C 254 -32.87 -16.92 -29.85
C GLY C 254 -34.36 -16.79 -29.73
N GLU C 255 -35.00 -17.83 -29.23
CA GLU C 255 -36.44 -17.79 -29.04
C GLU C 255 -36.97 -17.29 -27.70
N LYS C 256 -36.20 -17.34 -26.61
CA LYS C 256 -36.79 -16.95 -25.31
C LYS C 256 -36.66 -15.45 -25.12
N ILE C 257 -37.74 -14.84 -24.71
CA ILE C 257 -37.82 -13.42 -24.43
C ILE C 257 -37.58 -13.28 -22.94
N VAL C 258 -36.50 -12.58 -22.56
CA VAL C 258 -36.17 -12.32 -21.15
C VAL C 258 -35.96 -10.81 -20.95
N ALA C 259 -35.92 -10.40 -19.67
CA ALA C 259 -35.68 -9.01 -19.30
C ALA C 259 -36.66 -8.04 -19.94
N ASN C 260 -37.95 -8.37 -19.94
CA ASN C 260 -39.03 -7.45 -20.31
C ASN C 260 -39.04 -6.19 -19.37
N ASP C 261 -38.75 -6.39 -18.09
CA ASP C 261 -38.82 -5.35 -17.07
C ASP C 261 -37.55 -5.36 -16.30
N ILE C 262 -36.85 -4.24 -16.31
CA ILE C 262 -35.60 -4.06 -15.60
C ILE C 262 -35.75 -2.85 -14.72
N SER C 263 -35.55 -3.04 -13.42
CA SER C 263 -35.61 -1.91 -12.49
C SER C 263 -34.50 -1.95 -11.43
N ILE C 264 -34.19 -0.77 -10.94
CA ILE C 264 -33.23 -0.58 -9.88
C ILE C 264 -33.88 0.16 -8.72
N TRP C 265 -33.63 -0.31 -7.50
CA TRP C 265 -34.29 0.17 -6.28
C TRP C 265 -33.24 0.48 -5.22
N LEU C 266 -33.50 1.54 -4.47
CA LEU C 266 -32.75 1.84 -3.28
C LEU C 266 -32.90 0.65 -2.34
N PRO C 267 -31.84 0.27 -1.61
CA PRO C 267 -30.57 1.02 -1.55
C PRO C 267 -29.53 0.66 -2.62
N GLY C 268 -29.86 -0.30 -3.50
CA GLY C 268 -29.00 -0.69 -4.63
C GLY C 268 -29.22 -2.13 -4.98
N VAL C 269 -30.42 -2.39 -5.52
CA VAL C 269 -30.86 -3.73 -5.87
C VAL C 269 -31.60 -3.71 -7.20
N LEU C 270 -31.10 -4.53 -8.09
CA LEU C 270 -31.62 -4.65 -9.41
C LEU C 270 -32.63 -5.82 -9.47
N LYS C 271 -33.70 -5.62 -10.25
CA LYS C 271 -34.67 -6.66 -10.54
C LYS C 271 -34.76 -6.82 -12.04
N VAL C 272 -34.58 -8.07 -12.51
CA VAL C 272 -34.66 -8.41 -13.94
C VAL C 272 -35.70 -9.47 -14.12
N ASN C 273 -36.75 -9.17 -14.88
CA ASN C 273 -37.94 -10.05 -14.97
C ASN C 273 -38.48 -10.12 -16.42
N PRO C 274 -38.56 -11.30 -17.01
CA PRO C 274 -38.08 -12.57 -16.44
C PRO C 274 -36.61 -12.80 -16.72
N PHE C 275 -35.99 -13.66 -15.94
CA PHE C 275 -34.56 -13.97 -16.15
C PHE C 275 -34.10 -14.95 -15.12
N PRO C 276 -33.19 -15.88 -15.42
CA PRO C 276 -32.62 -16.17 -16.72
C PRO C 276 -33.55 -17.02 -17.65
N ASN C 277 -34.74 -17.38 -17.16
CA ASN C 277 -35.75 -18.17 -17.91
C ASN C 277 -37.10 -17.44 -17.77
N PRO C 278 -38.03 -17.63 -18.76
CA PRO C 278 -39.31 -16.88 -18.76
C PRO C 278 -40.19 -17.04 -17.52
N ASP C 279 -39.94 -18.07 -16.72
CA ASP C 279 -40.64 -18.35 -15.44
C ASP C 279 -40.03 -17.73 -14.15
N MET C 280 -38.82 -17.17 -14.23
CA MET C 280 -38.05 -16.73 -13.04
C MET C 280 -37.80 -15.24 -13.05
N MET C 281 -37.36 -14.74 -11.89
CA MET C 281 -36.85 -13.38 -11.70
C MET C 281 -35.42 -13.42 -11.08
N GLN C 282 -34.58 -12.46 -11.40
CA GLN C 282 -33.29 -12.26 -10.73
C GLN C 282 -33.37 -10.97 -9.88
N PHE C 283 -32.88 -11.08 -8.66
CA PHE C 283 -32.81 -9.93 -7.74
C PHE C 283 -31.38 -9.96 -7.22
N GLU C 284 -30.61 -8.93 -7.53
CA GLU C 284 -29.22 -8.89 -7.09
C GLU C 284 -28.92 -7.55 -6.43
N TRP C 285 -28.19 -7.62 -5.33
CA TRP C 285 -27.82 -6.47 -4.53
C TRP C 285 -26.34 -6.28 -4.66
N TYR C 286 -25.93 -5.00 -4.63
CA TYR C 286 -24.54 -4.63 -4.65
C TYR C 286 -24.29 -3.87 -3.33
N VAL C 287 -23.84 -4.60 -2.34
CA VAL C 287 -23.84 -4.14 -0.97
C VAL C 287 -22.47 -3.54 -0.54
N PRO C 288 -22.45 -2.25 -0.18
CA PRO C 288 -21.22 -1.58 0.24
C PRO C 288 -20.53 -2.26 1.45
N ILE C 289 -19.29 -2.71 1.26
CA ILE C 289 -18.45 -3.24 2.33
C ILE C 289 -17.52 -2.11 2.81
N ASP C 290 -16.82 -1.49 1.86
CA ASP C 290 -16.07 -0.28 2.08
C ASP C 290 -16.00 0.50 0.79
N GLU C 291 -15.02 1.39 0.70
CA GLU C 291 -14.87 2.29 -0.47
C GLU C 291 -14.62 1.51 -1.78
N ASN C 292 -13.94 0.40 -1.66
CA ASN C 292 -13.37 -0.33 -2.76
C ASN C 292 -13.98 -1.69 -2.97
N THR C 293 -14.97 -2.08 -2.13
CA THR C 293 -15.46 -3.45 -2.05
C THR C 293 -16.99 -3.51 -1.86
N HIS C 294 -17.58 -4.56 -2.44
CA HIS C 294 -18.99 -4.90 -2.24
C HIS C 294 -19.25 -6.39 -2.19
N TYR C 295 -20.36 -6.75 -1.52
CA TYR C 295 -20.99 -8.04 -1.72
C TYR C 295 -21.81 -8.04 -2.97
N TYR C 296 -21.54 -9.01 -3.83
CA TYR C 296 -22.39 -9.21 -4.97
C TYR C 296 -23.38 -10.32 -4.54
N PHE C 297 -24.55 -9.87 -4.12
CA PHE C 297 -25.54 -10.75 -3.47
C PHE C 297 -26.61 -11.10 -4.49
N GLN C 298 -26.44 -12.24 -5.15
CA GLN C 298 -27.26 -12.63 -6.28
C GLN C 298 -28.35 -13.59 -5.81
N THR C 299 -29.61 -13.32 -6.23
CA THR C 299 -30.68 -14.29 -6.04
C THR C 299 -31.53 -14.55 -7.26
N LEU C 300 -32.07 -15.76 -7.31
CA LEU C 300 -33.01 -16.14 -8.38
C LEU C 300 -34.27 -16.61 -7.71
N GLY C 301 -35.38 -16.01 -8.10
CA GLY C 301 -36.69 -16.34 -7.63
C GLY C 301 -37.49 -17.10 -8.66
N LYS C 302 -38.25 -18.09 -8.20
CA LYS C 302 -39.30 -18.74 -8.97
C LYS C 302 -40.52 -19.03 -8.08
N PRO C 303 -41.74 -18.70 -8.56
CA PRO C 303 -42.92 -19.09 -7.79
C PRO C 303 -43.12 -20.60 -7.71
N CYS C 304 -43.44 -21.04 -6.49
CA CYS C 304 -43.68 -22.45 -6.18
C CYS C 304 -44.91 -22.42 -5.24
N ALA C 305 -45.94 -23.21 -5.55
CA ALA C 305 -47.14 -23.37 -4.68
C ALA C 305 -46.92 -24.36 -3.51
N ASN C 306 -46.25 -25.48 -3.77
CA ASN C 306 -46.13 -26.62 -2.82
C ASN C 306 -44.64 -26.90 -2.42
N ASP C 307 -44.23 -28.17 -2.31
CA ASP C 307 -42.90 -28.54 -1.81
C ASP C 307 -42.05 -29.32 -2.78
N GLU C 308 -42.64 -30.09 -3.69
CA GLU C 308 -41.83 -30.81 -4.70
C GLU C 308 -41.46 -29.89 -5.85
N GLU C 309 -42.21 -28.79 -6.00
CA GLU C 309 -41.81 -27.69 -6.92
C GLU C 309 -40.49 -27.16 -6.42
N ARG C 310 -40.49 -26.83 -5.13
CA ARG C 310 -39.31 -26.29 -4.44
C ARG C 310 -38.08 -27.20 -4.59
N LYS C 311 -38.29 -28.49 -4.42
CA LYS C 311 -37.23 -29.46 -4.56
C LYS C 311 -36.77 -29.50 -5.99
N LYS C 312 -37.73 -29.43 -6.92
CA LYS C 312 -37.36 -29.36 -8.35
C LYS C 312 -36.55 -28.10 -8.69
N TYR C 313 -36.96 -26.97 -8.15
CA TYR C 313 -36.26 -25.70 -8.35
C TYR C 313 -34.85 -25.74 -7.78
N GLU C 314 -34.70 -26.23 -6.55
CA GLU C 314 -33.37 -26.35 -5.96
C GLU C 314 -32.43 -27.13 -6.85
N GLN C 315 -32.89 -28.27 -7.38
CA GLN C 315 -32.00 -29.07 -8.23
C GLN C 315 -31.69 -28.35 -9.57
N GLU C 316 -32.70 -27.70 -10.20
CA GLU C 316 -32.43 -26.84 -11.39
C GLU C 316 -31.41 -25.71 -11.08
N PHE C 317 -31.62 -25.01 -9.97
CA PHE C 317 -30.63 -24.01 -9.49
C PHE C 317 -29.19 -24.55 -9.44
N GLU C 318 -28.94 -25.67 -8.75
CA GLU C 318 -27.53 -26.14 -8.59
C GLU C 318 -26.98 -26.66 -9.89
N SER C 319 -27.81 -27.27 -10.72
CA SER C 319 -27.24 -27.98 -11.87
C SER C 319 -27.22 -27.07 -13.09
N LYS C 320 -28.16 -26.11 -13.18
CA LYS C 320 -28.28 -25.23 -14.32
C LYS C 320 -28.15 -23.69 -14.03
N TRP C 321 -29.01 -23.10 -13.22
CA TRP C 321 -29.07 -21.61 -13.15
C TRP C 321 -27.87 -20.92 -12.49
N LYS C 322 -27.28 -21.57 -11.52
CA LYS C 322 -26.14 -21.05 -10.79
C LYS C 322 -24.90 -21.09 -11.69
N PRO C 323 -24.55 -22.28 -12.24
CA PRO C 323 -23.38 -22.29 -13.11
C PRO C 323 -23.54 -21.53 -14.46
N MET C 324 -24.71 -21.64 -15.07
CA MET C 324 -24.92 -21.13 -16.40
C MET C 324 -25.20 -19.61 -16.37
N ALA C 325 -26.01 -19.20 -15.43
CA ALA C 325 -26.48 -17.79 -15.37
C ALA C 325 -25.71 -16.98 -14.34
N LEU C 326 -25.71 -17.42 -13.08
CA LEU C 326 -25.06 -16.63 -11.98
C LEU C 326 -23.57 -16.50 -12.12
N GLU C 327 -22.94 -17.53 -12.68
CA GLU C 327 -21.55 -17.46 -13.07
C GLU C 327 -21.35 -17.20 -14.59
N GLY C 328 -21.97 -18.00 -15.44
CA GLY C 328 -21.68 -17.97 -16.86
C GLY C 328 -22.17 -16.73 -17.60
N PHE C 329 -23.14 -16.06 -17.03
CA PHE C 329 -23.61 -14.80 -17.57
C PHE C 329 -22.97 -13.66 -16.76
N ASN C 330 -23.17 -13.65 -15.46
CA ASN C 330 -22.74 -12.51 -14.62
C ASN C 330 -21.27 -12.38 -14.35
N ASN C 331 -20.46 -13.43 -14.59
CA ASN C 331 -19.04 -13.22 -14.49
C ASN C 331 -18.52 -12.08 -15.32
N ASP C 332 -19.08 -11.85 -16.51
CA ASP C 332 -18.60 -10.76 -17.33
C ASP C 332 -18.90 -9.39 -16.68
N ASP C 333 -19.99 -9.32 -15.90
CA ASP C 333 -20.32 -8.15 -15.04
C ASP C 333 -19.25 -7.85 -14.00
N ILE C 334 -18.65 -8.89 -13.44
CA ILE C 334 -17.66 -8.75 -12.36
C ILE C 334 -16.44 -8.02 -12.92
N TRP C 335 -15.93 -8.48 -14.06
CA TRP C 335 -14.76 -7.83 -14.58
C TRP C 335 -15.01 -6.46 -15.28
N ALA C 336 -16.22 -6.24 -15.78
CA ALA C 336 -16.61 -4.93 -16.23
C ALA C 336 -16.59 -3.90 -15.06
N ARG C 337 -17.14 -4.22 -13.91
CA ARG C 337 -17.04 -3.40 -12.68
C ARG C 337 -15.65 -3.07 -12.28
N GLU C 338 -14.84 -4.10 -12.18
CA GLU C 338 -13.41 -3.98 -11.91
C GLU C 338 -12.68 -3.04 -12.89
N ALA C 339 -13.06 -3.10 -14.17
CA ALA C 339 -12.40 -2.29 -15.18
C ALA C 339 -12.74 -0.81 -15.03
N MET C 340 -13.82 -0.48 -14.32
CA MET C 340 -14.17 0.93 -14.06
C MET C 340 -13.44 1.54 -12.86
N VAL C 341 -12.75 0.72 -12.09
CA VAL C 341 -12.15 1.16 -10.83
C VAL C 341 -11.15 2.32 -11.00
N ASP C 342 -10.16 2.16 -11.90
CA ASP C 342 -9.12 3.21 -12.07
C ASP C 342 -9.71 4.59 -12.38
N PHE C 343 -10.67 4.66 -13.27
CA PHE C 343 -11.15 5.94 -13.73
C PHE C 343 -11.99 6.59 -12.66
N TYR C 344 -12.68 5.81 -11.84
CA TYR C 344 -13.49 6.41 -10.79
C TYR C 344 -12.78 6.50 -9.38
N ALA C 345 -11.56 5.97 -9.24
CA ALA C 345 -10.93 5.81 -7.90
C ALA C 345 -10.45 7.08 -7.23
N ASP C 346 -10.08 8.09 -8.00
CA ASP C 346 -9.73 9.40 -7.43
C ASP C 346 -10.95 10.30 -7.40
N ASP C 347 -12.14 9.75 -7.68
CA ASP C 347 -13.39 10.50 -7.83
C ASP C 347 -13.52 11.44 -9.06
N LYS C 348 -12.57 11.43 -9.98
CA LYS C 348 -12.60 12.32 -11.15
C LYS C 348 -13.41 11.76 -12.31
N GLY C 349 -13.57 10.44 -12.38
CA GLY C 349 -14.47 9.90 -13.42
C GLY C 349 -15.91 10.44 -13.45
N TRP C 350 -16.46 10.73 -12.27
CA TRP C 350 -17.77 11.36 -12.15
C TRP C 350 -17.85 12.67 -12.94
N VAL C 351 -16.74 13.38 -13.08
CA VAL C 351 -16.71 14.59 -13.93
C VAL C 351 -16.20 14.39 -15.39
N ASN C 352 -15.24 13.49 -15.61
CA ASN C 352 -14.62 13.29 -16.91
C ASN C 352 -15.22 12.30 -17.85
N GLU C 353 -16.14 11.46 -17.34
CA GLU C 353 -16.96 10.52 -18.16
C GLU C 353 -17.69 11.27 -19.27
N ILE C 354 -17.83 10.66 -20.43
CA ILE C 354 -18.73 11.26 -21.47
C ILE C 354 -19.89 10.34 -21.74
N LEU C 355 -21.05 10.70 -21.21
CA LEU C 355 -22.25 9.87 -21.37
C LEU C 355 -22.86 9.96 -22.75
N PHE C 356 -23.65 8.94 -23.10
CA PHE C 356 -24.47 8.97 -24.32
C PHE C 356 -25.90 8.61 -23.99
N GLU C 357 -26.74 8.40 -25.01
CA GLU C 357 -28.26 8.45 -24.84
C GLU C 357 -28.80 7.35 -23.91
N SER C 358 -28.28 6.13 -24.03
CA SER C 358 -28.78 5.07 -23.16
C SER C 358 -28.37 5.30 -21.69
N ASP C 359 -27.38 6.13 -21.42
CA ASP C 359 -27.07 6.46 -20.03
C ASP C 359 -28.15 7.28 -19.30
N GLU C 360 -29.21 7.65 -20.02
CA GLU C 360 -30.40 8.26 -19.39
C GLU C 360 -30.92 7.46 -18.19
N ALA C 361 -30.98 6.12 -18.33
CA ALA C 361 -31.31 5.25 -17.20
C ALA C 361 -30.37 5.39 -16.01
N ILE C 362 -29.07 5.43 -16.27
CA ILE C 362 -28.12 5.64 -15.20
C ILE C 362 -28.30 7.04 -14.52
N VAL C 363 -28.50 8.07 -15.28
CA VAL C 363 -28.72 9.43 -14.73
C VAL C 363 -29.99 9.46 -13.88
N ALA C 364 -31.03 8.77 -14.31
CA ALA C 364 -32.26 8.73 -13.53
C ALA C 364 -32.01 8.08 -12.18
N TRP C 365 -31.37 6.90 -12.20
CA TRP C 365 -30.91 6.27 -10.97
C TRP C 365 -30.11 7.22 -10.06
N ARG C 366 -29.13 7.97 -10.59
CA ARG C 366 -28.26 8.80 -9.75
C ARG C 366 -29.16 9.90 -9.10
N LYS C 367 -30.13 10.41 -9.88
CA LYS C 367 -31.04 11.42 -9.36
C LYS C 367 -31.94 10.84 -8.27
N LEU C 368 -32.53 9.69 -8.53
CA LEU C 368 -33.42 9.04 -7.58
C LEU C 368 -32.71 8.73 -6.27
N ALA C 369 -31.53 8.15 -6.37
CA ALA C 369 -30.69 7.87 -5.21
C ALA C 369 -30.30 9.12 -4.47
N SER C 370 -29.95 10.17 -5.19
CA SER C 370 -29.52 11.42 -4.56
C SER C 370 -30.66 12.02 -3.72
N GLU C 371 -31.88 11.97 -4.19
CA GLU C 371 -32.96 12.57 -3.44
C GLU C 371 -33.73 11.66 -2.47
N HIS C 372 -33.78 10.34 -2.69
CA HIS C 372 -34.53 9.44 -1.81
C HIS C 372 -33.76 8.51 -0.89
N ASN C 373 -32.45 8.57 -0.87
CA ASN C 373 -31.71 7.76 0.13
C ASN C 373 -32.07 8.24 1.53
N GLN C 374 -31.79 7.42 2.53
CA GLN C 374 -32.14 7.70 3.91
C GLN C 374 -30.95 8.14 4.71
N GLY C 375 -29.88 8.56 4.04
CA GLY C 375 -28.70 9.09 4.74
C GLY C 375 -27.47 8.67 4.00
N ILE C 376 -26.42 9.46 4.13
CA ILE C 376 -25.12 9.20 3.51
C ILE C 376 -24.17 8.72 4.55
N GLN C 377 -23.68 7.47 4.42
CA GLN C 377 -22.71 6.93 5.36
C GLN C 377 -21.43 7.72 5.19
N THR C 378 -20.79 8.09 6.28
CA THR C 378 -19.54 8.82 6.24
C THR C 378 -18.58 8.15 7.18
N GLN C 379 -17.33 8.59 7.06
CA GLN C 379 -16.20 8.18 7.94
C GLN C 379 -16.48 8.44 9.43
N ALA C 380 -17.25 9.49 9.72
CA ALA C 380 -17.66 9.77 11.10
C ALA C 380 -18.59 8.68 11.64
N HIS C 381 -19.45 8.11 10.80
CA HIS C 381 -20.21 6.93 11.22
C HIS C 381 -19.25 5.74 11.45
N VAL C 382 -18.23 5.62 10.62
CA VAL C 382 -17.27 4.50 10.73
C VAL C 382 -16.33 4.60 11.97
N SER C 383 -15.60 5.70 12.16
CA SER C 383 -14.72 5.80 13.34
C SER C 383 -15.26 6.85 14.31
N GLY C 384 -16.10 6.42 15.25
CA GLY C 384 -16.88 7.35 16.10
C GLY C 384 -17.29 6.73 17.41
FE1 FES D . 27.79 6.78 -0.99
FE2 FES D . 28.03 8.14 -3.34
S1 FES D . 29.66 7.49 -1.99
S2 FES D . 26.19 7.38 -2.34
MG MG E . 31.89 7.75 18.29
FE FE2 F . 0.49 -9.50 29.62
C1 EDO G . 23.75 13.00 8.77
O1 EDO G . 24.06 11.67 9.03
C2 EDO G . 22.68 13.41 9.73
O2 EDO G . 21.60 12.51 9.63
C1 EDO H . 0.70 -27.31 45.15
O1 EDO H . -0.28 -28.21 45.72
C2 EDO H . 2.08 -27.56 45.77
O2 EDO H . 2.21 -26.88 47.03
C1 EDO I . -3.90 -4.49 11.91
O1 EDO I . -4.63 -4.69 10.70
C2 EDO I . -3.71 -5.83 12.60
O2 EDO I . -2.68 -5.72 13.59
C1 EDO J . 38.97 -8.06 21.63
O1 EDO J . 37.85 -8.82 22.11
C2 EDO J . 39.00 -8.04 20.10
O2 EDO J . 39.25 -9.32 19.50
C1 EDO K . 30.99 7.01 22.56
O1 EDO K . 30.31 8.26 22.81
C2 EDO K . 29.93 6.06 22.21
O2 EDO K . 30.33 4.76 22.43
C1 EDO L . 41.88 8.01 8.69
O1 EDO L . 41.39 9.22 9.28
C2 EDO L . 42.03 6.97 9.79
O2 EDO L . 41.30 5.80 9.43
C1 EDO M . -1.48 -26.90 37.91
O1 EDO M . -2.26 -28.07 38.05
C2 EDO M . -1.03 -26.42 39.29
O2 EDO M . -0.32 -27.45 39.97
C1 PEG N . 14.04 2.20 5.14
O1 PEG N . 14.29 3.43 4.54
C2 PEG N . 14.51 1.01 4.34
O2 PEG N . 14.81 -0.03 5.29
C3 PEG N . 13.66 -0.74 5.75
C4 PEG N . 13.91 -1.30 7.14
O4 PEG N . 12.67 -1.42 7.86
C1 PEG O . 18.03 -1.79 -3.33
O1 PEG O . 19.25 -2.06 -4.05
C2 PEG O . 18.27 -1.95 -1.84
O2 PEG O . 17.88 -0.79 -1.11
C3 PEG O . 18.01 -0.76 0.32
C4 PEG O . 18.04 -2.11 1.05
O4 PEG O . 17.53 -1.91 2.38
C1 PGE P . 10.17 -21.84 42.66
O1 PGE P . 9.31 -21.65 43.80
C2 PGE P . 10.60 -23.29 42.35
O2 PGE P . 10.72 -23.51 40.91
C3 PGE P . 9.48 -23.69 40.16
C4 PGE P . 9.68 -24.38 38.81
O4 PGE P . 13.04 -26.19 36.09
C6 PGE P . 12.82 -25.76 37.43
C5 PGE P . 11.41 -25.23 37.43
O3 PGE P . 11.09 -24.54 38.61
FE1 FES Q . -16.08 2.06 -23.73
FE2 FES Q . -18.58 2.39 -22.75
S1 FES Q . -17.99 2.10 -24.80
S2 FES Q . -16.63 2.36 -21.59
MG MG R . 42.75 -5.99 -16.68
FE FE2 S . 27.29 1.80 -14.70
O1 OXY T . 26.73 2.11 -16.54
O2 OXY T . 27.91 2.01 -16.22
C1 EDO U . 13.94 0.27 -4.47
O1 EDO U . 14.35 0.03 -3.16
C2 EDO U . 13.52 -1.03 -5.12
O2 EDO U . 12.90 -0.64 -6.35
C1 EDO V . 29.13 20.08 -7.20
O1 EDO V . 29.31 20.58 -8.50
C2 EDO V . 30.47 20.18 -6.51
O2 EDO V . 30.23 20.21 -5.09
C1 PEG W . -3.05 2.26 -14.73
O1 PEG W . -3.89 3.34 -14.40
C2 PEG W . -3.80 1.02 -15.09
O2 PEG W . -3.02 -0.16 -15.32
C3 PEG W . -1.66 -0.19 -15.79
C4 PEG W . -0.73 -0.62 -14.66
O4 PEG W . 0.68 -0.56 -15.00
C1 PEG X . 16.73 -5.60 -31.06
O1 PEG X . 16.00 -5.60 -32.29
C2 PEG X . 16.26 -6.72 -30.17
O2 PEG X . 17.37 -7.62 -30.17
C3 PEG X . 17.10 -8.92 -29.63
C4 PEG X . 18.33 -9.78 -29.85
O4 PEG X . 18.40 -10.17 -31.22
C1 PGE Y . -10.68 -5.77 -15.14
O1 PGE Y . -10.31 -7.13 -15.03
C2 PGE Y . -9.64 -4.98 -14.37
O2 PGE Y . -8.62 -4.60 -15.30
C3 PGE Y . -8.43 -3.19 -15.38
C4 PGE Y . -7.33 -2.83 -16.37
O4 PGE Y . -5.13 -4.96 -19.81
C6 PGE Y . -5.61 -5.15 -18.47
C5 PGE Y . -5.48 -3.83 -17.68
O3 PGE Y . -6.29 -3.82 -16.48
C1 PGE Z . 28.12 1.24 -19.83
O1 PGE Z . 26.78 1.63 -19.37
C2 PGE Z . 29.27 2.28 -19.64
O2 PGE Z . 30.01 2.28 -18.38
C3 PGE Z . 30.94 3.35 -18.16
C4 PGE Z . 32.38 2.83 -18.22
O4 PGE Z . 36.87 5.02 -18.43
C6 PGE Z . 35.47 5.10 -18.01
C5 PGE Z . 34.69 3.77 -18.20
O3 PGE Z . 33.27 3.96 -17.96
FE1 FES AA . -12.68 -4.85 25.25
FE2 FES AA . -10.85 -3.71 27.06
S1 FES AA . -12.66 -4.99 27.50
S2 FES AA . -10.80 -3.72 24.83
MG MG BA . -31.64 -5.28 19.79
FE FE2 CA . -24.78 -7.64 -17.05
O1 OXY DA . -26.57 -7.93 -16.70
O2 OXY DA . -26.71 -8.66 -15.75
C1 EDO EA . -20.47 2.82 17.62
O1 EDO EA . -20.27 4.19 17.29
C2 EDO EA . -20.59 2.70 19.14
O2 EDO EA . -20.61 1.33 19.51
C1 PEG FA . -11.74 -6.54 8.30
O1 PEG FA . -11.26 -5.60 7.34
C2 PEG FA . -11.17 -6.25 9.67
O2 PEG FA . -10.42 -5.03 9.85
C3 PEG FA . -11.11 -3.82 9.60
C4 PEG FA . -10.71 -2.73 10.53
O4 PEG FA . -11.35 -1.60 9.99
C1 PEG GA . -49.92 -9.53 -9.05
O1 PEG GA . -49.68 -9.95 -10.40
C2 PEG GA . -49.77 -10.72 -8.11
O2 PEG GA . -48.39 -10.91 -7.79
C3 PEG GA . -47.82 -12.21 -8.05
C4 PEG GA . -48.23 -13.21 -6.96
O4 PEG GA . -48.01 -14.52 -7.48
C1 PGE HA . -16.55 -16.23 10.25
O1 PGE HA . -16.33 -15.29 11.32
C2 PGE HA . -16.67 -15.55 8.88
O2 PGE HA . -17.94 -14.89 8.68
C3 PGE HA . -18.24 -14.55 7.33
C4 PGE HA . -19.74 -14.68 7.07
O4 PGE HA . -19.47 -18.20 5.05
C6 PGE HA . -20.70 -17.48 4.91
C5 PGE HA . -20.51 -16.04 5.29
O3 PGE HA . -20.09 -16.00 6.65
C1 PGE IA . -35.89 -1.19 -38.03
O1 PGE IA . -36.42 0.14 -37.94
C2 PGE IA . -34.37 -1.10 -38.08
O2 PGE IA . -33.77 -2.35 -38.52
C3 PGE IA . -32.69 -2.23 -39.51
C4 PGE IA . -31.45 -3.06 -39.27
O4 PGE IA . -29.74 -3.94 -36.26
C6 PGE IA . -30.83 -4.78 -36.73
C5 PGE IA . -30.83 -5.17 -38.22
O3 PGE IA . -31.79 -4.46 -39.03
S DMS JA . -39.00 -23.74 -29.71
O DMS JA . -37.59 -24.16 -29.98
C1 DMS JA . -39.84 -23.55 -31.20
C2 DMS JA . -39.92 -24.94 -28.95
#